data_5JW3
#
_entry.id   5JW3
#
_cell.length_a   143.990
_cell.length_b   143.990
_cell.length_c   130.920
_cell.angle_alpha   90.000
_cell.angle_beta   90.000
_cell.angle_gamma   120.000
#
_symmetry.space_group_name_H-M   'P 3 2 1'
#
loop_
_entity.id
_entity.type
_entity.pdbx_description
1 polymer Hemagglutinin
2 polymer Hemagglutinin
3 polymer 'MEDI8852 heavy chain'
4 polymer 'MEDI8852 light chain'
5 branched alpha-D-mannopyranose-(1-3)-beta-D-mannopyranose-(1-4)-2-acetamido-2-deoxy-beta-D-glucopyranose-(1-4)-2-acetamido-2-deoxy-beta-D-glucopyranose
6 branched 2-acetamido-2-deoxy-beta-D-glucopyranose-(1-4)-2-acetamido-2-deoxy-beta-D-glucopyranose
7 non-polymer 2-acetamido-2-deoxy-beta-D-glucopyranose
#
loop_
_entity_poly.entity_id
_entity_poly.type
_entity_poly.pdbx_seq_one_letter_code
_entity_poly.pdbx_strand_id
1 'polypeptide(L)'
;DKICLGHHAVSNGTKVNTLTERGVEVVNATETVERTNVPRICSKGKRTVDLGQCGLLGTITGPPQCDQFLEFSADLIIER
REGSDVCYPGKFVNEEALRQILRESGGIDKETMGFTYSGIRTNGATSACRRSGSSFYAEMKWLLSNTDNAAFPQMTKSYK
NTRKDPALIIWGIHHSGSTTEQTKLYGSGNKLITVGSSNYQQSFVPSPGARPQVNGQSGRIDFHWLMLNPNDTVTFSFNG
AFIAPDRASFLRGKSMGIQSSVQVDANCEGDCYHSGGTIISNLPFQNINSRAVGKCPRYVKQESLMLATGMKNVPE
;
A
2 'polypeptide(L)'
;GLFGAIAGFIENGWEGLIDGWYGFRHQNAQGEGTAADYKSTQSAIDQITGKLNRLIEKTNQQFELIDNEFTEVEKQIGNV
INWTRDSMTEVWSYNAELLVAMENQHTIDLADSEMNKLYERVKRQLRENAEEDGTGCFEIFHKCDDDCMASIRNNTYDHS
RYREEAMQNR
;
B
3 'polypeptide(L)'
;QVQLQQSGPGLVKPSQTLSLTCAISGDSVSSYNAVWNWIRQSPSRGLEWLGRTYYRSGWYNDYAESVKSRITINPDTSKN
QFSLQLNSVTPEDTAVYYCARSGHITVFGVNVDAFDMWGQGTMVTVSSASTKGPSVFPLAPSSKSTSGGTAALGCLVKDY
FPEPVTVSWNSGALTSGVHTFPAVLQSSGLYSLSSVVTVPSSSLGTQTYICNVNHKPSNTKVDKKVEP
;
H
4 'polypeptide(L)'
;MTQSPSSLSASVGDRVTITCRTSQSLSSYTHWYQQKPGKAPKLLIYAASSRGSGVPSRFSGSGSGTDFTLTISSLQPEDF
ATYYCQQSRTFGQGTKVEIKRTVAAPSVFIFPPSDEQLKSGTASVVCLLNNFYPREAKVQWKVDNALQSGNSQESVTEQD
SKDSTYSLSSTLTLSKADYEKHKVYACEVTHQGLSSPVTKSFNRGE
;
L
#
# COMPACT_ATOMS: atom_id res chain seq x y z
N ASP A 1 -12.84 19.32 -45.04
CA ASP A 1 -13.00 19.40 -43.55
C ASP A 1 -13.98 18.36 -43.02
N LYS A 2 -13.53 17.49 -42.12
CA LYS A 2 -14.40 16.49 -41.54
C LYS A 2 -13.87 16.05 -40.21
N ILE A 3 -14.78 15.58 -39.36
CA ILE A 3 -14.46 15.11 -38.01
C ILE A 3 -14.92 13.66 -37.87
N CYS A 4 -14.10 12.84 -37.22
CA CYS A 4 -14.34 11.41 -37.18
C CYS A 4 -14.38 10.86 -35.76
N LEU A 5 -15.35 10.00 -35.46
CA LEU A 5 -15.46 9.38 -34.14
C LEU A 5 -14.78 8.03 -34.13
N GLY A 6 -14.29 7.61 -32.97
CA GLY A 6 -13.67 6.31 -32.80
C GLY A 6 -13.55 5.87 -31.35
N HIS A 7 -12.90 4.73 -31.15
CA HIS A 7 -12.66 4.14 -29.82
C HIS A 7 -11.28 3.49 -29.84
N HIS A 8 -10.62 3.37 -28.70
CA HIS A 8 -9.28 2.74 -28.67
C HIS A 8 -9.27 1.20 -28.71
N ALA A 9 -8.17 0.65 -29.20
CA ALA A 9 -7.95 -0.80 -29.22
C ALA A 9 -6.48 -1.10 -28.97
N VAL A 10 -6.18 -2.37 -28.70
CA VAL A 10 -4.81 -2.77 -28.44
C VAL A 10 -4.42 -3.95 -29.31
N SER A 11 -3.15 -4.03 -29.68
CA SER A 11 -2.66 -5.13 -30.51
C SER A 11 -2.88 -6.43 -29.76
N ASN A 12 -2.51 -6.45 -28.47
CA ASN A 12 -2.63 -7.65 -27.65
C ASN A 12 -3.75 -7.54 -26.62
N GLY A 13 -4.97 -7.91 -27.03
CA GLY A 13 -6.14 -7.91 -26.16
C GLY A 13 -6.18 -9.14 -25.28
N THR A 14 -7.27 -9.29 -24.54
CA THR A 14 -7.47 -10.42 -23.64
C THR A 14 -8.77 -11.12 -24.01
N LYS A 15 -8.75 -12.45 -24.06
CA LYS A 15 -9.94 -13.21 -24.46
C LYS A 15 -10.86 -13.47 -23.27
N VAL A 16 -12.15 -13.35 -23.53
CA VAL A 16 -13.19 -13.68 -22.55
C VAL A 16 -14.32 -14.43 -23.24
N ASN A 17 -15.24 -15.01 -22.45
CA ASN A 17 -16.47 -15.58 -23.00
C ASN A 17 -17.67 -14.70 -22.73
N THR A 18 -18.64 -14.73 -23.65
CA THR A 18 -19.92 -14.06 -23.47
C THR A 18 -21.02 -15.11 -23.58
N LEU A 19 -22.29 -14.68 -23.55
CA LEU A 19 -23.41 -15.60 -23.74
C LEU A 19 -23.44 -16.09 -25.18
N THR A 20 -22.97 -15.24 -26.09
CA THR A 20 -23.12 -15.45 -27.51
C THR A 20 -21.86 -15.90 -28.24
N GLU A 21 -20.69 -15.80 -27.60
CA GLU A 21 -19.44 -16.15 -28.26
C GLU A 21 -18.34 -16.59 -27.28
N ARG A 22 -17.51 -17.53 -27.72
CA ARG A 22 -16.35 -17.97 -26.97
C ARG A 22 -15.09 -17.26 -27.45
N GLY A 23 -14.28 -16.77 -26.52
CA GLY A 23 -12.97 -16.21 -26.84
C GLY A 23 -13.01 -14.87 -27.54
N VAL A 24 -13.93 -14.01 -27.09
CA VAL A 24 -14.04 -12.66 -27.62
C VAL A 24 -12.90 -11.86 -27.04
N GLU A 25 -12.17 -11.15 -27.89
CA GLU A 25 -11.02 -10.41 -27.44
C GLU A 25 -11.47 -9.02 -27.03
N VAL A 26 -11.13 -8.64 -25.80
CA VAL A 26 -11.49 -7.34 -25.24
C VAL A 26 -10.24 -6.57 -24.82
N VAL A 27 -10.37 -5.26 -24.61
CA VAL A 27 -9.23 -4.44 -24.20
C VAL A 27 -8.74 -4.87 -22.83
N ASN A 28 -9.70 -5.14 -21.95
CA ASN A 28 -9.37 -5.48 -20.60
C ASN A 28 -10.13 -6.64 -20.00
N ALA A 29 -9.51 -7.33 -19.06
CA ALA A 29 -10.16 -8.40 -18.33
C ALA A 29 -9.52 -8.61 -16.97
N THR A 30 -10.32 -8.98 -15.98
CA THR A 30 -9.79 -9.28 -14.66
C THR A 30 -10.31 -10.62 -14.16
N GLU A 31 -9.41 -11.47 -13.68
CA GLU A 31 -9.75 -12.82 -13.23
C GLU A 31 -10.70 -12.78 -12.06
N THR A 32 -11.68 -13.68 -12.04
CA THR A 32 -12.63 -13.80 -10.92
C THR A 32 -12.44 -15.06 -10.09
N VAL A 33 -11.61 -15.99 -10.57
CA VAL A 33 -11.30 -17.23 -9.85
C VAL A 33 -9.89 -17.17 -9.25
N GLU A 34 -9.80 -17.28 -7.93
CA GLU A 34 -8.50 -17.28 -7.26
C GLU A 34 -7.79 -18.62 -7.42
N ARG A 35 -6.55 -18.57 -7.88
CA ARG A 35 -5.71 -19.76 -8.03
C ARG A 35 -4.48 -19.75 -7.14
N THR A 36 -4.15 -18.62 -6.55
CA THR A 36 -2.90 -18.48 -5.81
C THR A 36 -3.13 -18.83 -4.34
N ASN A 37 -2.36 -19.80 -3.86
CA ASN A 37 -2.40 -20.20 -2.45
C ASN A 37 -1.19 -19.62 -1.72
N VAL A 38 -1.37 -19.32 -0.44
CA VAL A 38 -0.26 -19.01 0.44
C VAL A 38 -0.01 -20.27 1.27
N PRO A 39 1.18 -20.87 1.17
CA PRO A 39 1.44 -22.15 1.84
C PRO A 39 1.78 -22.03 3.33
N ARG A 40 1.01 -21.21 4.05
CA ARG A 40 1.16 -21.06 5.50
C ARG A 40 -0.22 -20.79 6.10
N ILE A 41 -0.34 -21.02 7.40
CA ILE A 41 -1.52 -20.64 8.14
C ILE A 41 -1.32 -19.20 8.58
N CYS A 42 -1.98 -18.27 7.90
CA CYS A 42 -1.84 -16.85 8.17
C CYS A 42 -2.66 -16.43 9.39
N SER A 43 -1.98 -16.31 10.52
CA SER A 43 -2.62 -16.22 11.83
C SER A 43 -2.47 -14.87 12.53
N LYS A 44 -2.03 -13.83 11.81
CA LYS A 44 -1.92 -12.52 12.42
C LYS A 44 -3.25 -12.10 13.08
N GLY A 45 -3.16 -11.61 14.30
CA GLY A 45 -4.31 -11.06 15.00
C GLY A 45 -5.16 -12.08 15.72
N LYS A 46 -4.80 -13.37 15.64
CA LYS A 46 -5.57 -14.43 16.27
C LYS A 46 -4.71 -15.19 17.30
N ARG A 47 -5.20 -15.46 18.48
CA ARG A 47 -4.52 -16.45 19.31
C ARG A 47 -4.53 -17.84 18.67
N THR A 48 -3.35 -18.37 18.34
CA THR A 48 -3.22 -19.63 17.61
C THR A 48 -2.60 -20.72 18.47
N VAL A 49 -3.15 -21.92 18.36
CA VAL A 49 -2.62 -23.10 19.03
C VAL A 49 -2.36 -24.18 17.98
N ASP A 50 -1.10 -24.47 17.73
CA ASP A 50 -0.69 -25.52 16.80
C ASP A 50 -0.45 -26.78 17.61
N LEU A 51 -1.34 -27.76 17.49
CA LEU A 51 -1.33 -28.94 18.36
C LEU A 51 -0.17 -29.89 18.10
N GLY A 52 0.35 -29.90 16.88
CA GLY A 52 1.51 -30.74 16.55
C GLY A 52 1.24 -32.20 16.84
N GLN A 53 2.01 -32.78 17.77
CA GLN A 53 1.89 -34.18 18.19
C GLN A 53 0.66 -34.45 19.07
N CYS A 54 0.09 -33.40 19.66
CA CYS A 54 -1.07 -33.57 20.52
C CYS A 54 -2.34 -33.68 19.68
N GLY A 55 -3.10 -34.75 19.90
CA GLY A 55 -4.40 -34.90 19.28
C GLY A 55 -5.41 -34.02 19.99
N LEU A 56 -6.35 -33.46 19.25
CA LEU A 56 -7.32 -32.55 19.86
C LEU A 56 -8.05 -33.17 21.05
N LEU A 57 -8.44 -34.43 20.92
CA LEU A 57 -9.15 -35.11 22.00
C LEU A 57 -8.22 -35.45 23.17
N GLY A 58 -6.92 -35.50 22.92
CA GLY A 58 -5.92 -35.67 23.97
C GLY A 58 -5.83 -34.51 24.94
N THR A 59 -6.29 -33.33 24.52
CA THR A 59 -6.30 -32.16 25.40
C THR A 59 -7.20 -32.38 26.61
N ILE A 60 -8.19 -33.26 26.46
CA ILE A 60 -9.14 -33.59 27.52
C ILE A 60 -8.64 -34.70 28.47
N THR A 61 -7.95 -35.70 27.93
CA THR A 61 -7.50 -36.86 28.71
C THR A 61 -6.08 -36.67 29.21
N GLY A 62 -5.22 -36.17 28.33
CA GLY A 62 -3.86 -35.79 28.70
C GLY A 62 -2.79 -36.87 28.57
N PRO A 63 -2.63 -37.46 27.37
CA PRO A 63 -1.42 -38.27 27.17
C PRO A 63 -0.20 -37.34 27.18
N PRO A 64 1.01 -37.89 27.36
CA PRO A 64 2.20 -37.06 27.59
C PRO A 64 2.42 -35.95 26.55
N GLN A 65 2.15 -36.24 25.28
CA GLN A 65 2.29 -35.27 24.20
C GLN A 65 1.34 -34.06 24.30
N CYS A 66 0.29 -34.16 25.12
CA CYS A 66 -0.66 -33.06 25.32
C CYS A 66 -0.48 -32.32 26.65
N ASP A 67 0.62 -32.56 27.36
CA ASP A 67 0.84 -31.93 28.67
C ASP A 67 0.82 -30.40 28.63
N GLN A 68 1.21 -29.80 27.51
CA GLN A 68 1.23 -28.34 27.38
C GLN A 68 -0.06 -27.76 26.81
N PHE A 69 -1.08 -28.59 26.59
CA PHE A 69 -2.34 -28.16 25.98
C PHE A 69 -3.56 -28.52 26.85
N LEU A 70 -3.35 -28.71 28.15
CA LEU A 70 -4.43 -29.15 29.02
C LEU A 70 -5.43 -28.04 29.35
N GLU A 71 -5.04 -26.78 29.21
CA GLU A 71 -5.93 -25.65 29.48
C GLU A 71 -5.77 -24.50 28.49
N PHE A 72 -5.48 -24.84 27.24
CA PHE A 72 -5.20 -23.84 26.23
C PHE A 72 -6.36 -22.87 25.98
N SER A 73 -6.01 -21.72 25.41
CA SER A 73 -6.96 -20.69 25.02
C SER A 73 -6.59 -20.35 23.59
N ALA A 74 -7.59 -20.18 22.72
CA ALA A 74 -7.34 -20.03 21.28
C ALA A 74 -8.49 -19.38 20.51
N ASP A 75 -8.13 -18.62 19.48
CA ASP A 75 -9.07 -18.22 18.43
C ASP A 75 -8.99 -19.25 17.27
N LEU A 76 -7.79 -19.78 17.03
CA LEU A 76 -7.54 -20.68 15.92
C LEU A 76 -6.79 -21.92 16.40
N ILE A 77 -7.37 -23.10 16.16
CA ILE A 77 -6.79 -24.36 16.59
C ILE A 77 -6.36 -25.16 15.37
N ILE A 78 -5.12 -25.59 15.35
CA ILE A 78 -4.57 -26.34 14.20
C ILE A 78 -4.22 -27.78 14.56
N GLU A 79 -4.94 -28.72 13.95
CA GLU A 79 -4.65 -30.15 14.05
C GLU A 79 -3.66 -30.53 12.96
N ARG A 80 -2.78 -31.45 13.29
CA ARG A 80 -1.79 -31.97 12.35
C ARG A 80 -2.01 -33.46 12.19
N ARG A 81 -1.61 -33.99 11.04
CA ARG A 81 -1.75 -35.42 10.78
C ARG A 81 -1.05 -36.29 11.83
N GLU A 82 0.12 -35.84 12.29
CA GLU A 82 0.87 -36.58 13.30
C GLU A 82 0.26 -36.56 14.71
N GLY A 83 -0.76 -35.72 14.93
CA GLY A 83 -1.40 -35.64 16.23
C GLY A 83 -2.03 -36.96 16.64
N SER A 84 -1.86 -37.32 17.91
CA SER A 84 -2.43 -38.55 18.47
C SER A 84 -3.13 -38.23 19.78
N ASP A 85 -4.32 -38.81 19.92
CA ASP A 85 -5.17 -38.60 21.09
C ASP A 85 -4.78 -39.47 22.27
N VAL A 86 -3.95 -40.49 22.02
CA VAL A 86 -3.77 -41.58 22.99
C VAL A 86 -2.31 -41.89 23.29
N CYS A 87 -2.12 -42.56 24.42
CA CYS A 87 -0.84 -43.16 24.75
C CYS A 87 -1.09 -44.67 24.93
N TYR A 88 -1.80 -45.07 25.98
CA TYR A 88 -2.34 -46.44 26.06
C TYR A 88 -3.41 -46.52 24.98
N PRO A 89 -3.38 -47.58 24.14
CA PRO A 89 -4.25 -47.55 22.95
C PRO A 89 -5.75 -47.58 23.28
N GLY A 90 -6.54 -46.99 22.40
CA GLY A 90 -7.99 -46.88 22.58
C GLY A 90 -8.58 -45.80 21.69
N LYS A 91 -9.84 -45.45 21.92
CA LYS A 91 -10.51 -44.39 21.15
C LYS A 91 -11.80 -43.90 21.80
N PHE A 92 -12.21 -42.71 21.41
CA PHE A 92 -13.44 -42.11 21.92
C PHE A 92 -14.67 -42.63 21.16
N VAL A 93 -15.77 -42.90 21.87
CA VAL A 93 -17.06 -43.10 21.23
C VAL A 93 -17.56 -41.73 20.82
N ASN A 94 -18.19 -41.63 19.66
CA ASN A 94 -18.63 -40.35 19.09
C ASN A 94 -17.49 -39.36 18.99
N GLU A 95 -16.39 -39.79 18.38
CA GLU A 95 -15.17 -39.00 18.41
C GLU A 95 -15.26 -37.72 17.61
N GLU A 96 -15.85 -37.77 16.43
CA GLU A 96 -15.89 -36.59 15.56
C GLU A 96 -16.84 -35.51 16.07
N ALA A 97 -17.96 -35.91 16.66
CA ALA A 97 -18.84 -34.95 17.34
C ALA A 97 -18.05 -34.15 18.36
N LEU A 98 -17.27 -34.85 19.19
CA LEU A 98 -16.46 -34.22 20.22
C LEU A 98 -15.38 -33.31 19.64
N ARG A 99 -14.77 -33.72 18.52
CA ARG A 99 -13.79 -32.87 17.82
C ARG A 99 -14.43 -31.60 17.35
N GLN A 100 -15.65 -31.70 16.80
CA GLN A 100 -16.34 -30.51 16.29
C GLN A 100 -16.66 -29.54 17.43
N ILE A 101 -17.04 -30.09 18.59
CA ILE A 101 -17.27 -29.26 19.78
C ILE A 101 -15.98 -28.53 20.21
N LEU A 102 -14.88 -29.28 20.30
CA LEU A 102 -13.63 -28.71 20.79
C LEU A 102 -13.01 -27.73 19.81
N ARG A 103 -13.19 -27.95 18.51
CA ARG A 103 -12.73 -27.01 17.49
C ARG A 103 -13.37 -25.63 17.62
N GLU A 104 -14.60 -25.58 18.10
CA GLU A 104 -15.33 -24.32 18.28
C GLU A 104 -15.26 -23.76 19.70
N SER A 105 -14.52 -24.41 20.58
CA SER A 105 -14.58 -24.16 22.02
C SER A 105 -13.96 -22.85 22.49
N GLY A 106 -12.99 -22.33 21.74
CA GLY A 106 -12.14 -21.25 22.23
C GLY A 106 -11.10 -21.76 23.21
N GLY A 107 -10.96 -23.07 23.32
CA GLY A 107 -10.08 -23.68 24.32
C GLY A 107 -10.84 -24.21 25.51
N ILE A 108 -10.09 -24.75 26.47
CA ILE A 108 -10.67 -25.41 27.61
C ILE A 108 -10.10 -24.91 28.90
N ASP A 109 -11.03 -24.71 29.80
CA ASP A 109 -10.72 -24.44 31.14
C ASP A 109 -10.98 -25.76 31.83
N LYS A 110 -10.13 -26.11 32.78
CA LYS A 110 -10.24 -27.37 33.54
C LYS A 110 -10.51 -27.09 35.01
N GLU A 111 -11.37 -27.89 35.61
CA GLU A 111 -11.63 -27.81 37.05
C GLU A 111 -11.74 -29.21 37.65
N THR A 112 -11.21 -29.36 38.86
CA THR A 112 -11.20 -30.63 39.56
C THR A 112 -12.61 -31.20 39.75
N MET A 113 -12.74 -32.51 39.60
CA MET A 113 -14.01 -33.20 39.86
C MET A 113 -14.25 -33.33 41.36
N GLY A 114 -13.19 -33.19 42.15
CA GLY A 114 -13.29 -33.26 43.61
C GLY A 114 -13.48 -34.67 44.13
N PHE A 115 -13.09 -35.68 43.36
CA PHE A 115 -13.19 -37.08 43.79
C PHE A 115 -12.01 -37.44 44.69
N THR A 116 -12.34 -37.99 45.87
CA THR A 116 -11.36 -38.65 46.74
C THR A 116 -11.73 -40.12 46.87
N TYR A 117 -10.74 -40.95 47.19
CA TYR A 117 -10.91 -42.41 47.20
C TYR A 117 -10.34 -43.06 48.46
N SER A 118 -10.95 -44.15 48.89
CA SER A 118 -10.39 -45.00 49.95
C SER A 118 -10.66 -46.47 49.64
N GLY A 119 -9.76 -47.34 50.11
CA GLY A 119 -9.87 -48.77 49.89
C GLY A 119 -9.45 -49.27 48.50
N ILE A 120 -8.89 -48.39 47.67
CA ILE A 120 -8.40 -48.75 46.33
C ILE A 120 -7.16 -47.93 45.99
N ARG A 121 -6.39 -48.42 45.00
CA ARG A 121 -5.23 -47.67 44.49
C ARG A 121 -5.66 -46.70 43.40
N THR A 122 -4.93 -45.60 43.27
CA THR A 122 -5.31 -44.50 42.38
C THR A 122 -4.23 -44.15 41.33
N ASN A 123 -3.13 -44.91 41.32
CA ASN A 123 -1.90 -44.52 40.63
C ASN A 123 -1.47 -45.49 39.52
N GLY A 124 -2.44 -46.13 38.87
CA GLY A 124 -2.12 -47.02 37.74
C GLY A 124 -1.30 -46.27 36.71
N ALA A 125 -0.26 -46.92 36.21
CA ALA A 125 0.66 -46.31 35.26
C ALA A 125 1.09 -47.35 34.23
N THR A 126 1.63 -46.88 33.11
CA THR A 126 2.04 -47.77 32.03
C THR A 126 3.22 -47.21 31.24
N SER A 127 4.01 -48.12 30.67
CA SER A 127 5.16 -47.74 29.83
C SER A 127 4.73 -47.12 28.50
N ALA A 128 3.46 -47.28 28.12
CA ALA A 128 2.92 -46.63 26.93
C ALA A 128 2.75 -45.11 27.09
N CYS A 129 2.65 -44.62 28.33
CA CYS A 129 2.52 -43.18 28.60
C CYS A 129 3.73 -42.74 29.43
N ARG A 130 4.80 -42.33 28.76
CA ARG A 130 6.05 -42.01 29.45
C ARG A 130 6.24 -40.52 29.72
N ARG A 131 6.60 -40.21 30.97
CA ARG A 131 7.11 -38.91 31.38
C ARG A 131 8.37 -39.19 32.21
N SER A 132 9.46 -39.49 31.52
CA SER A 132 10.69 -39.98 32.14
C SER A 132 10.35 -41.07 33.16
N GLY A 133 9.84 -42.18 32.64
CA GLY A 133 9.29 -43.27 33.46
C GLY A 133 7.80 -43.44 33.17
N SER A 134 7.26 -44.57 33.63
CA SER A 134 5.86 -44.92 33.39
C SER A 134 4.93 -43.90 34.01
N SER A 135 3.83 -43.61 33.32
CA SER A 135 2.87 -42.61 33.77
C SER A 135 1.49 -42.92 33.18
N PHE A 136 0.64 -41.90 33.06
CA PHE A 136 -0.73 -42.09 32.62
C PHE A 136 -1.33 -40.76 32.18
N TYR A 137 -2.49 -40.82 31.54
CA TYR A 137 -3.25 -39.64 31.17
C TYR A 137 -3.36 -38.63 32.33
N ALA A 138 -2.83 -37.42 32.12
CA ALA A 138 -2.73 -36.40 33.19
C ALA A 138 -4.07 -36.00 33.82
N GLU A 139 -5.15 -36.09 33.06
CA GLU A 139 -6.48 -35.69 33.53
C GLU A 139 -7.34 -36.84 34.06
N MET A 140 -6.80 -38.05 34.09
CA MET A 140 -7.56 -39.24 34.47
C MET A 140 -6.83 -40.00 35.56
N LYS A 141 -7.56 -40.89 36.24
CA LYS A 141 -6.94 -41.77 37.24
C LYS A 141 -7.33 -43.24 37.02
N TRP A 142 -6.31 -44.08 36.90
CA TRP A 142 -6.50 -45.51 36.71
C TRP A 142 -6.71 -46.16 38.07
N LEU A 143 -7.97 -46.46 38.39
CA LEU A 143 -8.35 -47.04 39.68
C LEU A 143 -8.13 -48.54 39.68
N LEU A 144 -7.37 -49.03 40.65
CA LEU A 144 -7.03 -50.46 40.78
C LEU A 144 -7.43 -50.97 42.17
N SER A 145 -7.55 -52.30 42.29
CA SER A 145 -7.76 -52.91 43.60
C SER A 145 -6.49 -52.77 44.43
N ASN A 146 -6.65 -52.55 45.73
CA ASN A 146 -5.54 -52.23 46.64
C ASN A 146 -4.29 -53.12 46.43
N THR A 147 -4.52 -54.42 46.25
CA THR A 147 -3.46 -55.39 45.96
C THR A 147 -3.87 -56.31 44.81
N ASP A 148 -2.92 -57.09 44.30
CA ASP A 148 -3.17 -58.01 43.19
C ASP A 148 -4.21 -59.10 43.49
N ASN A 149 -5.18 -59.24 42.58
CA ASN A 149 -6.26 -60.23 42.68
C ASN A 149 -7.35 -59.88 43.69
N ALA A 150 -7.28 -58.68 44.27
CA ALA A 150 -8.23 -58.23 45.29
C ALA A 150 -9.55 -57.74 44.67
N ALA A 151 -10.66 -57.96 45.38
CA ALA A 151 -11.96 -57.51 44.91
C ALA A 151 -12.04 -56.00 45.02
N PHE A 152 -12.36 -55.36 43.90
CA PHE A 152 -12.59 -53.92 43.87
C PHE A 152 -13.95 -53.68 44.56
N PRO A 153 -14.07 -52.66 45.42
CA PRO A 153 -15.35 -52.46 46.11
C PRO A 153 -16.39 -51.76 45.22
N GLN A 154 -17.67 -52.04 45.48
CA GLN A 154 -18.75 -51.39 44.74
C GLN A 154 -18.76 -49.91 45.11
N MET A 155 -18.50 -49.06 44.12
CA MET A 155 -18.30 -47.63 44.36
C MET A 155 -19.28 -46.75 43.63
N THR A 156 -19.57 -45.60 44.23
CA THR A 156 -20.37 -44.56 43.62
C THR A 156 -19.66 -43.22 43.83
N LYS A 157 -19.58 -42.41 42.77
CA LYS A 157 -18.98 -41.08 42.84
C LYS A 157 -19.85 -40.10 42.09
N SER A 158 -20.05 -38.91 42.68
CA SER A 158 -21.00 -37.93 42.20
C SER A 158 -20.32 -36.58 41.97
N TYR A 159 -20.72 -35.88 40.90
CA TYR A 159 -20.24 -34.52 40.63
C TYR A 159 -21.38 -33.66 40.11
N LYS A 160 -21.62 -32.53 40.79
CA LYS A 160 -22.61 -31.56 40.34
C LYS A 160 -21.89 -30.42 39.61
N ASN A 161 -22.43 -30.04 38.45
CA ASN A 161 -21.97 -28.86 37.73
C ASN A 161 -22.60 -27.61 38.35
N THR A 162 -21.83 -26.89 39.17
CA THR A 162 -22.31 -25.66 39.80
C THR A 162 -22.04 -24.38 38.98
N ARG A 163 -21.64 -24.53 37.72
CA ARG A 163 -21.32 -23.37 36.85
C ARG A 163 -22.46 -23.12 35.86
N LYS A 164 -22.43 -21.97 35.19
CA LYS A 164 -23.53 -21.55 34.32
C LYS A 164 -23.47 -22.13 32.90
N ASP A 165 -22.37 -22.77 32.54
CA ASP A 165 -22.27 -23.48 31.27
C ASP A 165 -22.11 -25.00 31.46
N PRO A 166 -22.45 -25.79 30.42
CA PRO A 166 -22.32 -27.24 30.50
C PRO A 166 -20.88 -27.69 30.71
N ALA A 167 -20.70 -28.76 31.48
CA ALA A 167 -19.39 -29.34 31.71
C ALA A 167 -19.20 -30.55 30.81
N LEU A 168 -18.02 -30.65 30.20
CA LEU A 168 -17.64 -31.85 29.46
C LEU A 168 -17.00 -32.84 30.43
N ILE A 169 -17.65 -34.00 30.58
CA ILE A 169 -17.21 -35.07 31.48
C ILE A 169 -16.75 -36.26 30.66
N ILE A 170 -15.56 -36.78 30.99
CA ILE A 170 -14.99 -37.95 30.32
C ILE A 170 -14.76 -39.07 31.31
N TRP A 171 -14.82 -40.30 30.83
CA TRP A 171 -14.36 -41.45 31.59
C TRP A 171 -13.87 -42.52 30.64
N GLY A 172 -13.25 -43.56 31.18
CA GLY A 172 -12.73 -44.65 30.37
C GLY A 172 -13.05 -46.02 30.93
N ILE A 173 -13.27 -46.99 30.05
CA ILE A 173 -13.46 -48.38 30.44
C ILE A 173 -12.23 -49.16 29.96
N HIS A 174 -11.58 -49.86 30.87
CA HIS A 174 -10.35 -50.58 30.53
C HIS A 174 -10.70 -52.01 30.12
N HIS A 175 -10.24 -52.39 28.93
CA HIS A 175 -10.34 -53.76 28.44
C HIS A 175 -8.94 -54.36 28.46
N SER A 176 -8.66 -55.19 29.46
CA SER A 176 -7.37 -55.84 29.56
C SER A 176 -7.16 -56.81 28.39
N GLY A 177 -5.91 -57.15 28.12
CA GLY A 177 -5.56 -58.09 27.05
C GLY A 177 -5.96 -59.52 27.34
N SER A 178 -6.39 -59.80 28.58
CA SER A 178 -6.82 -61.13 28.98
C SER A 178 -7.71 -61.07 30.22
N THR A 179 -8.48 -62.12 30.44
CA THR A 179 -9.34 -62.21 31.62
C THR A 179 -8.52 -62.26 32.91
N THR A 180 -7.37 -62.93 32.87
CA THR A 180 -6.51 -63.05 34.04
C THR A 180 -5.96 -61.67 34.44
N GLU A 181 -5.52 -60.89 33.47
CA GLU A 181 -5.13 -59.50 33.75
C GLU A 181 -6.26 -58.67 34.36
N GLN A 182 -7.48 -58.86 33.89
CA GLN A 182 -8.63 -58.16 34.46
C GLN A 182 -8.81 -58.52 35.94
N THR A 183 -8.63 -59.80 36.28
CA THR A 183 -8.76 -60.22 37.67
C THR A 183 -7.63 -59.66 38.53
N LYS A 184 -6.39 -59.76 38.04
CA LYS A 184 -5.22 -59.18 38.72
C LYS A 184 -5.38 -57.70 39.09
N LEU A 185 -5.95 -56.92 38.17
CA LEU A 185 -6.10 -55.48 38.38
C LEU A 185 -7.32 -55.12 39.25
N TYR A 186 -8.44 -55.80 39.03
CA TYR A 186 -9.71 -55.42 39.65
C TYR A 186 -10.43 -56.56 40.41
N GLY A 187 -9.78 -57.72 40.55
CA GLY A 187 -10.43 -58.90 41.15
C GLY A 187 -11.37 -59.59 40.18
N SER A 188 -11.72 -60.84 40.49
CA SER A 188 -12.60 -61.65 39.64
C SER A 188 -14.04 -61.14 39.63
N GLY A 189 -14.86 -61.74 38.76
CA GLY A 189 -16.27 -61.39 38.64
C GLY A 189 -16.56 -60.55 37.40
N ASN A 190 -17.83 -60.57 37.01
CA ASN A 190 -18.30 -59.82 35.85
C ASN A 190 -18.53 -58.34 36.21
N LYS A 191 -17.71 -57.45 35.65
CA LYS A 191 -17.68 -56.05 36.13
C LYS A 191 -18.77 -55.24 35.48
N LEU A 192 -19.03 -54.06 36.04
CA LEU A 192 -20.10 -53.18 35.56
C LEU A 192 -19.78 -51.71 35.89
N ILE A 193 -20.10 -50.82 34.94
CA ILE A 193 -20.05 -49.38 35.17
C ILE A 193 -21.33 -48.77 34.63
N THR A 194 -22.10 -48.08 35.48
CA THR A 194 -23.25 -47.30 35.01
C THR A 194 -22.96 -45.81 35.19
N VAL A 195 -23.54 -45.01 34.30
CA VAL A 195 -23.38 -43.57 34.28
C VAL A 195 -24.71 -42.94 33.88
N GLY A 196 -25.21 -42.03 34.70
CA GLY A 196 -26.48 -41.35 34.42
C GLY A 196 -26.48 -39.90 34.87
N SER A 197 -27.17 -39.08 34.09
CA SER A 197 -27.54 -37.72 34.49
C SER A 197 -29.04 -37.54 34.23
N SER A 198 -29.57 -36.35 34.46
CA SER A 198 -30.97 -36.06 34.10
C SER A 198 -31.21 -36.12 32.58
N ASN A 199 -30.13 -36.05 31.82
CA ASN A 199 -30.15 -35.96 30.37
C ASN A 199 -29.63 -37.24 29.68
N TYR A 200 -28.95 -38.10 30.43
CA TYR A 200 -28.12 -39.16 29.87
C TYR A 200 -28.29 -40.45 30.66
N GLN A 201 -28.15 -41.58 29.96
CA GLN A 201 -28.54 -42.87 30.51
C GLN A 201 -27.83 -43.99 29.75
N GLN A 202 -26.83 -44.62 30.35
CA GLN A 202 -26.00 -45.61 29.64
C GLN A 202 -25.13 -46.45 30.56
N SER A 203 -24.82 -47.67 30.12
CA SER A 203 -24.08 -48.64 30.94
C SER A 203 -22.94 -49.28 30.15
N PHE A 204 -22.06 -49.96 30.88
CA PHE A 204 -20.84 -50.55 30.32
C PHE A 204 -20.41 -51.76 31.13
N VAL A 205 -20.17 -52.86 30.43
CA VAL A 205 -19.60 -54.08 30.98
C VAL A 205 -18.33 -54.31 30.18
N PRO A 206 -17.19 -54.58 30.86
CA PRO A 206 -15.95 -54.73 30.09
C PRO A 206 -15.88 -56.07 29.36
N SER A 207 -15.16 -56.10 28.23
CA SER A 207 -14.82 -57.34 27.53
C SER A 207 -13.32 -57.48 27.30
N PRO A 208 -12.62 -58.21 28.20
CA PRO A 208 -11.19 -58.48 27.99
C PRO A 208 -10.93 -59.51 26.90
N GLY A 209 -9.71 -59.50 26.34
CA GLY A 209 -9.33 -60.35 25.22
C GLY A 209 -8.12 -59.80 24.47
N ALA A 210 -7.42 -60.65 23.75
CA ALA A 210 -6.18 -60.26 23.07
C ALA A 210 -6.44 -59.41 21.83
N ARG A 211 -6.03 -58.15 21.86
CA ARG A 211 -5.96 -57.30 20.66
C ARG A 211 -4.50 -57.25 20.18
N PRO A 212 -4.26 -56.91 18.89
CA PRO A 212 -2.86 -56.81 18.47
C PRO A 212 -2.17 -55.65 19.19
N GLN A 213 -0.87 -55.79 19.43
CA GLN A 213 -0.15 -54.79 20.24
C GLN A 213 -0.07 -53.42 19.56
N VAL A 214 -0.48 -52.39 20.28
CA VAL A 214 -0.33 -50.99 19.87
C VAL A 214 0.38 -50.25 21.01
N ASN A 215 1.43 -49.50 20.69
CA ASN A 215 2.32 -48.92 21.69
C ASN A 215 2.73 -49.94 22.76
N GLY A 216 2.97 -51.17 22.31
CA GLY A 216 3.36 -52.28 23.19
C GLY A 216 2.29 -52.87 24.10
N GLN A 217 1.01 -52.60 23.82
CA GLN A 217 -0.09 -53.02 24.70
C GLN A 217 -1.19 -53.75 23.93
N SER A 218 -1.60 -54.90 24.44
CA SER A 218 -2.70 -55.68 23.86
C SER A 218 -4.06 -55.36 24.49
N GLY A 219 -4.07 -54.56 25.56
CA GLY A 219 -5.31 -54.07 26.16
C GLY A 219 -5.76 -52.77 25.51
N ARG A 220 -6.98 -52.34 25.82
CA ARG A 220 -7.54 -51.10 25.27
C ARG A 220 -8.36 -50.36 26.33
N ILE A 221 -8.49 -49.04 26.14
CA ILE A 221 -9.39 -48.22 26.96
C ILE A 221 -10.45 -47.59 26.04
N ASP A 222 -11.72 -47.87 26.34
CA ASP A 222 -12.84 -47.16 25.69
C ASP A 222 -13.08 -45.85 26.44
N PHE A 223 -12.81 -44.71 25.81
CA PHE A 223 -13.18 -43.41 26.39
C PHE A 223 -14.59 -43.00 25.97
N HIS A 224 -15.33 -42.40 26.89
CA HIS A 224 -16.72 -41.96 26.69
C HIS A 224 -16.90 -40.53 27.18
N TRP A 225 -17.89 -39.82 26.67
CA TRP A 225 -18.14 -38.44 27.09
C TRP A 225 -19.61 -38.02 27.16
N LEU A 226 -19.89 -37.03 28.00
CA LEU A 226 -21.20 -36.38 28.04
C LEU A 226 -21.08 -34.92 28.47
N MET A 227 -22.04 -34.10 28.03
CA MET A 227 -22.15 -32.71 28.45
C MET A 227 -23.09 -32.64 29.65
N LEU A 228 -22.59 -32.18 30.79
CA LEU A 228 -23.37 -32.09 32.01
C LEU A 228 -23.94 -30.68 32.16
N ASN A 229 -25.26 -30.56 32.14
CA ASN A 229 -25.91 -29.25 32.21
C ASN A 229 -25.74 -28.55 33.57
N PRO A 230 -25.81 -27.20 33.57
CA PRO A 230 -25.76 -26.40 34.80
C PRO A 230 -26.69 -26.90 35.90
N ASN A 231 -26.13 -27.14 37.08
CA ASN A 231 -26.85 -27.68 38.25
C ASN A 231 -27.54 -29.04 38.02
N ASP A 232 -26.93 -29.84 37.15
CA ASP A 232 -27.25 -31.26 37.01
C ASP A 232 -26.09 -32.05 37.59
N THR A 233 -26.35 -33.30 37.98
CA THR A 233 -25.37 -34.18 38.59
C THR A 233 -25.12 -35.42 37.73
N VAL A 234 -23.85 -35.84 37.63
CA VAL A 234 -23.50 -37.16 37.06
C VAL A 234 -23.09 -38.07 38.19
N THR A 235 -23.56 -39.31 38.13
CA THR A 235 -23.18 -40.35 39.09
C THR A 235 -22.49 -41.48 38.35
N PHE A 236 -21.33 -41.87 38.88
CA PHE A 236 -20.58 -43.01 38.38
C PHE A 236 -20.70 -44.14 39.40
N SER A 237 -21.45 -45.19 39.04
CA SER A 237 -21.50 -46.40 39.86
C SER A 237 -20.67 -47.46 39.15
N PHE A 238 -19.57 -47.86 39.77
CA PHE A 238 -18.64 -48.79 39.15
C PHE A 238 -18.07 -49.75 40.16
N ASN A 239 -17.55 -50.85 39.64
CA ASN A 239 -17.07 -51.95 40.43
C ASN A 239 -15.82 -52.57 39.75
N GLY A 240 -15.02 -51.69 39.12
CA GLY A 240 -13.79 -52.08 38.44
C GLY A 240 -13.72 -51.64 36.98
N ALA A 241 -12.53 -51.78 36.39
CA ALA A 241 -12.26 -51.51 34.97
C ALA A 241 -12.63 -50.07 34.54
N PHE A 242 -12.56 -49.14 35.48
CA PHE A 242 -13.03 -47.78 35.29
C PHE A 242 -11.85 -46.80 35.39
N ILE A 243 -11.72 -45.97 34.36
CA ILE A 243 -10.72 -44.91 34.32
C ILE A 243 -11.46 -43.62 34.66
N ALA A 244 -11.23 -43.12 35.88
CA ALA A 244 -12.03 -42.02 36.42
C ALA A 244 -11.47 -40.66 36.00
N PRO A 245 -12.37 -39.70 35.72
CA PRO A 245 -11.89 -38.35 35.44
C PRO A 245 -11.40 -37.67 36.70
N ASP A 246 -10.28 -36.96 36.60
CA ASP A 246 -9.78 -36.11 37.67
C ASP A 246 -10.32 -34.69 37.55
N ARG A 247 -10.55 -34.24 36.32
CA ARG A 247 -11.03 -32.88 36.06
C ARG A 247 -12.14 -32.83 35.00
N ALA A 248 -13.04 -31.86 35.17
CA ALA A 248 -14.05 -31.54 34.17
C ALA A 248 -13.50 -30.46 33.26
N SER A 249 -13.97 -30.44 32.02
CA SER A 249 -13.61 -29.41 31.05
C SER A 249 -14.77 -28.46 30.79
N PHE A 250 -14.43 -27.18 30.61
CA PHE A 250 -15.39 -26.13 30.26
C PHE A 250 -14.91 -25.38 29.05
N LEU A 251 -15.84 -24.96 28.25
CA LEU A 251 -15.43 -24.36 27.02
C LEU A 251 -15.24 -22.89 27.34
N ARG A 252 -14.20 -22.28 26.77
CA ARG A 252 -13.84 -20.90 27.09
C ARG A 252 -14.63 -19.84 26.32
N GLY A 253 -14.93 -20.12 25.07
CA GLY A 253 -15.66 -19.16 24.24
C GLY A 253 -15.87 -19.63 22.82
N LYS A 254 -15.19 -18.99 21.88
CA LYS A 254 -15.37 -19.25 20.45
C LYS A 254 -14.04 -19.41 19.75
N SER A 255 -13.97 -20.34 18.81
CA SER A 255 -12.80 -20.51 17.96
C SER A 255 -13.17 -21.19 16.67
N MET A 256 -12.16 -21.35 15.81
CA MET A 256 -12.28 -22.11 14.58
C MET A 256 -11.15 -23.13 14.55
N GLY A 257 -11.48 -24.38 14.22
CA GLY A 257 -10.49 -25.45 14.10
C GLY A 257 -10.21 -25.78 12.65
N ILE A 258 -8.94 -25.97 12.32
CA ILE A 258 -8.54 -26.37 10.96
C ILE A 258 -7.63 -27.57 10.97
N GLN A 259 -7.50 -28.20 9.81
CA GLN A 259 -6.60 -29.29 9.61
C GLN A 259 -5.62 -28.83 8.58
N SER A 260 -4.36 -28.86 8.96
CA SER A 260 -3.32 -28.31 8.13
C SER A 260 -2.00 -29.04 8.24
N SER A 261 -1.23 -28.95 7.16
CA SER A 261 0.10 -29.50 7.09
C SER A 261 1.19 -28.43 6.89
N VAL A 262 0.87 -27.15 7.03
CA VAL A 262 1.89 -26.09 6.84
C VAL A 262 2.10 -25.20 8.06
N GLN A 263 3.19 -24.43 8.06
CA GLN A 263 3.58 -23.66 9.25
C GLN A 263 2.77 -22.38 9.49
N VAL A 264 2.59 -22.04 10.76
CA VAL A 264 1.91 -20.82 11.16
C VAL A 264 2.74 -19.62 10.73
N ASP A 265 2.06 -18.53 10.41
CA ASP A 265 2.73 -17.28 10.06
C ASP A 265 1.93 -16.12 10.64
N ALA A 266 2.54 -15.39 11.58
CA ALA A 266 1.88 -14.25 12.24
C ALA A 266 2.16 -12.93 11.53
N ASN A 267 2.80 -13.00 10.37
CA ASN A 267 3.10 -11.84 9.56
C ASN A 267 2.09 -11.60 8.42
N CYS A 268 1.28 -12.60 8.10
CA CYS A 268 0.14 -12.45 7.18
C CYS A 268 -1.17 -12.72 7.92
N GLU A 269 -2.25 -12.17 7.38
CA GLU A 269 -3.59 -12.30 7.94
C GLU A 269 -4.55 -12.82 6.88
N GLY A 270 -5.40 -13.75 7.28
CA GLY A 270 -6.34 -14.38 6.35
C GLY A 270 -7.45 -15.04 7.12
N ASP A 271 -8.60 -15.20 6.50
CA ASP A 271 -9.75 -15.83 7.14
C ASP A 271 -10.23 -17.05 6.40
N CYS A 272 -9.56 -17.46 5.33
CA CYS A 272 -9.90 -18.68 4.60
C CYS A 272 -8.74 -19.65 4.65
N TYR A 273 -8.97 -20.82 5.27
CA TYR A 273 -7.92 -21.80 5.53
C TYR A 273 -8.26 -23.15 4.90
N HIS A 274 -7.23 -23.87 4.52
CA HIS A 274 -7.37 -25.27 4.11
C HIS A 274 -6.09 -25.99 4.49
N SER A 275 -6.03 -27.29 4.25
CA SER A 275 -4.89 -28.06 4.71
C SER A 275 -3.57 -27.59 4.12
N GLY A 276 -3.61 -27.07 2.90
CA GLY A 276 -2.44 -26.55 2.23
C GLY A 276 -2.06 -25.10 2.52
N GLY A 277 -2.85 -24.39 3.31
CA GLY A 277 -2.50 -23.01 3.69
C GLY A 277 -3.67 -22.06 3.76
N THR A 278 -3.47 -20.84 3.25
CA THR A 278 -4.44 -19.77 3.38
C THR A 278 -4.76 -19.20 2.01
N ILE A 279 -6.05 -19.00 1.73
CA ILE A 279 -6.49 -18.35 0.51
C ILE A 279 -6.69 -16.88 0.86
N ILE A 280 -5.77 -16.04 0.41
CA ILE A 280 -5.86 -14.59 0.60
C ILE A 280 -6.29 -13.98 -0.73
N SER A 281 -7.47 -13.36 -0.74
CA SER A 281 -8.11 -12.93 -1.98
C SER A 281 -9.40 -12.15 -1.71
N ASN A 282 -9.72 -11.23 -2.61
CA ASN A 282 -11.03 -10.57 -2.62
C ASN A 282 -11.94 -11.07 -3.73
N LEU A 283 -11.49 -12.08 -4.46
CA LEU A 283 -12.27 -12.59 -5.58
C LEU A 283 -13.48 -13.40 -5.09
N PRO A 284 -14.55 -13.43 -5.88
CA PRO A 284 -15.74 -14.21 -5.48
C PRO A 284 -15.58 -15.73 -5.49
N PHE A 285 -14.67 -16.25 -6.34
CA PHE A 285 -14.48 -17.68 -6.50
C PHE A 285 -13.03 -18.11 -6.31
N GLN A 286 -12.85 -19.40 -6.05
CA GLN A 286 -11.53 -20.00 -5.94
C GLN A 286 -11.56 -21.44 -6.44
N ASN A 287 -10.44 -21.91 -6.98
CA ASN A 287 -10.29 -23.25 -7.53
C ASN A 287 -9.11 -23.93 -6.84
N ILE A 288 -8.93 -23.64 -5.56
CA ILE A 288 -7.80 -24.14 -4.80
C ILE A 288 -8.17 -25.39 -3.98
N ASN A 289 -9.26 -25.34 -3.24
CA ASN A 289 -9.66 -26.45 -2.36
C ASN A 289 -11.15 -26.39 -2.03
N SER A 290 -11.89 -27.42 -2.42
CA SER A 290 -13.34 -27.48 -2.18
C SER A 290 -13.71 -27.61 -0.69
N ARG A 291 -12.76 -27.96 0.16
CA ARG A 291 -13.01 -28.10 1.58
C ARG A 291 -12.40 -26.94 2.41
N ALA A 292 -12.12 -25.81 1.76
CA ALA A 292 -11.61 -24.64 2.50
C ALA A 292 -12.64 -24.20 3.52
N VAL A 293 -12.20 -23.69 4.66
CA VAL A 293 -13.10 -23.27 5.75
C VAL A 293 -12.77 -21.87 6.24
N GLY A 294 -13.68 -21.27 6.99
CA GLY A 294 -13.55 -19.89 7.46
C GLY A 294 -14.44 -19.00 6.61
N LYS A 295 -13.94 -17.83 6.22
CA LYS A 295 -14.69 -16.95 5.34
C LYS A 295 -14.01 -16.98 4.00
N CYS A 296 -14.64 -17.66 3.04
CA CYS A 296 -13.99 -18.04 1.79
C CYS A 296 -14.72 -17.60 0.52
N PRO A 297 -13.97 -17.45 -0.58
CA PRO A 297 -14.60 -17.43 -1.91
C PRO A 297 -15.24 -18.79 -2.17
N ARG A 298 -16.31 -18.83 -2.96
CA ARG A 298 -16.98 -20.08 -3.24
C ARG A 298 -16.21 -20.95 -4.25
N TYR A 299 -15.97 -22.21 -3.90
CA TYR A 299 -15.19 -23.10 -4.76
C TYR A 299 -15.93 -23.37 -6.05
N VAL A 300 -15.20 -23.31 -7.16
CA VAL A 300 -15.73 -23.68 -8.48
C VAL A 300 -14.75 -24.61 -9.18
N LYS A 301 -15.26 -25.38 -10.13
CA LYS A 301 -14.45 -26.31 -10.91
C LYS A 301 -13.46 -25.62 -11.83
N GLN A 302 -13.86 -24.49 -12.40
CA GLN A 302 -13.10 -23.86 -13.48
C GLN A 302 -11.83 -23.23 -12.94
N GLU A 303 -10.76 -23.34 -13.71
CA GLU A 303 -9.50 -22.69 -13.35
C GLU A 303 -9.55 -21.20 -13.55
N SER A 304 -10.31 -20.72 -14.52
CA SER A 304 -10.34 -19.29 -14.81
C SER A 304 -11.67 -18.85 -15.42
N LEU A 305 -12.14 -17.68 -14.98
CA LEU A 305 -13.33 -17.06 -15.54
C LEU A 305 -13.05 -15.57 -15.64
N MET A 306 -12.63 -15.13 -16.83
CA MET A 306 -12.22 -13.76 -17.04
C MET A 306 -13.42 -12.84 -17.24
N LEU A 307 -13.47 -11.77 -16.45
CA LEU A 307 -14.52 -10.77 -16.53
C LEU A 307 -14.01 -9.60 -17.37
N ALA A 308 -14.72 -9.27 -18.43
CA ALA A 308 -14.37 -8.12 -19.27
C ALA A 308 -14.50 -6.81 -18.48
N THR A 309 -13.47 -5.98 -18.54
CA THR A 309 -13.45 -4.64 -17.93
C THR A 309 -13.27 -3.54 -18.98
N GLY A 310 -13.49 -3.89 -20.25
CA GLY A 310 -13.35 -2.95 -21.33
C GLY A 310 -14.12 -3.41 -22.55
N MET A 311 -14.10 -2.56 -23.56
CA MET A 311 -14.79 -2.81 -24.81
C MET A 311 -14.15 -3.92 -25.62
N LYS A 312 -14.87 -4.34 -26.66
CA LYS A 312 -14.32 -5.26 -27.64
C LYS A 312 -13.08 -4.66 -28.28
N ASN A 313 -12.05 -5.47 -28.47
CA ASN A 313 -10.80 -5.00 -29.07
C ASN A 313 -10.87 -5.22 -30.56
N VAL A 314 -10.77 -4.14 -31.33
CA VAL A 314 -10.82 -4.19 -32.79
C VAL A 314 -9.57 -3.52 -33.34
N PRO A 315 -8.46 -4.26 -33.48
CA PRO A 315 -7.19 -3.68 -33.88
C PRO A 315 -7.07 -3.43 -35.36
N GLU A 316 -6.20 -2.50 -35.73
CA GLU A 316 -6.01 -2.20 -37.14
C GLU A 316 -5.16 -3.28 -37.81
N GLY B 1 -20.86 -5.56 -30.94
CA GLY B 1 -21.75 -4.77 -30.06
C GLY B 1 -23.20 -4.71 -30.55
N LEU B 2 -24.13 -4.72 -29.60
CA LEU B 2 -25.56 -4.73 -29.90
C LEU B 2 -25.99 -3.56 -30.78
N PHE B 3 -25.41 -2.39 -30.56
CA PHE B 3 -25.79 -1.20 -31.30
C PHE B 3 -25.16 -1.14 -32.68
N GLY B 4 -24.05 -1.82 -32.89
CA GLY B 4 -23.39 -1.89 -34.19
C GLY B 4 -22.47 -0.75 -34.53
N ALA B 5 -21.87 -0.14 -33.51
CA ALA B 5 -20.87 0.90 -33.70
C ALA B 5 -19.45 0.32 -33.56
N ILE B 6 -19.13 -0.20 -32.37
CA ILE B 6 -17.84 -0.86 -32.11
C ILE B 6 -17.85 -2.24 -32.77
N ALA B 7 -16.81 -2.50 -33.56
CA ALA B 7 -16.78 -3.67 -34.45
C ALA B 7 -17.97 -3.70 -35.39
N GLY B 8 -18.47 -2.51 -35.72
CA GLY B 8 -19.63 -2.35 -36.59
C GLY B 8 -19.28 -1.34 -37.67
N PHE B 9 -20.06 -0.27 -37.79
CA PHE B 9 -19.79 0.74 -38.83
C PHE B 9 -18.45 1.45 -38.59
N ILE B 10 -18.06 1.61 -37.32
CA ILE B 10 -16.68 2.04 -37.03
C ILE B 10 -15.78 0.86 -37.29
N GLU B 11 -14.96 0.95 -38.34
CA GLU B 11 -14.17 -0.17 -38.84
C GLU B 11 -13.27 -0.77 -37.78
N ASN B 12 -12.56 0.07 -37.06
CA ASN B 12 -11.61 -0.42 -36.09
C ASN B 12 -11.22 0.64 -35.09
N GLY B 13 -10.57 0.19 -34.02
CA GLY B 13 -10.14 1.05 -32.95
C GLY B 13 -8.82 1.71 -33.24
N TRP B 14 -8.48 2.72 -32.44
CA TRP B 14 -7.24 3.47 -32.59
C TRP B 14 -6.25 3.10 -31.48
N GLU B 15 -5.12 2.46 -31.81
CA GLU B 15 -4.08 2.19 -30.82
C GLU B 15 -3.43 3.44 -30.26
N GLY B 16 -3.38 4.50 -31.06
CA GLY B 16 -2.85 5.78 -30.63
C GLY B 16 -3.67 6.50 -29.57
N LEU B 17 -4.96 6.15 -29.48
CA LEU B 17 -5.85 6.77 -28.50
C LEU B 17 -5.59 6.17 -27.14
N ILE B 18 -4.58 6.66 -26.45
CA ILE B 18 -4.17 6.06 -25.19
C ILE B 18 -4.79 6.74 -23.97
N ASP B 19 -5.36 7.93 -24.15
CA ASP B 19 -5.88 8.71 -23.03
C ASP B 19 -7.36 8.59 -22.75
N GLY B 20 -8.04 7.82 -23.56
CA GLY B 20 -9.46 7.73 -23.41
C GLY B 20 -9.96 6.48 -24.05
N TRP B 21 -11.23 6.25 -23.84
CA TRP B 21 -11.92 5.12 -24.42
C TRP B 21 -12.46 5.52 -25.77
N TYR B 22 -13.11 6.66 -25.80
CA TYR B 22 -13.72 7.20 -27.00
C TYR B 22 -13.11 8.57 -27.31
N GLY B 23 -12.97 8.89 -28.60
CA GLY B 23 -12.41 10.16 -29.02
C GLY B 23 -12.73 10.60 -30.44
N PHE B 24 -12.19 11.77 -30.81
CA PHE B 24 -12.42 12.40 -32.10
C PHE B 24 -11.11 12.48 -32.89
N ARG B 25 -11.21 12.28 -34.21
CA ARG B 25 -10.08 12.43 -35.14
C ARG B 25 -10.56 13.28 -36.31
N HIS B 26 -9.91 14.42 -36.54
CA HIS B 26 -10.38 15.41 -37.54
C HIS B 26 -9.42 15.62 -38.69
N GLN B 27 -9.96 16.20 -39.75
CA GLN B 27 -9.21 16.56 -40.94
C GLN B 27 -9.70 17.93 -41.39
N ASN B 28 -8.78 18.89 -41.46
CA ASN B 28 -9.09 20.25 -41.94
C ASN B 28 -7.84 20.94 -42.47
N ALA B 29 -8.02 22.13 -43.07
CA ALA B 29 -6.92 22.88 -43.67
C ALA B 29 -5.64 22.86 -42.82
N GLN B 30 -5.82 22.93 -41.50
CA GLN B 30 -4.70 22.96 -40.56
C GLN B 30 -4.01 21.61 -40.31
N GLY B 31 -4.66 20.51 -40.71
CA GLY B 31 -4.06 19.18 -40.66
C GLY B 31 -4.96 18.17 -39.97
N GLU B 32 -4.33 17.29 -39.20
CA GLU B 32 -5.02 16.21 -38.48
C GLU B 32 -4.70 16.28 -36.99
N GLY B 33 -5.66 15.84 -36.18
CA GLY B 33 -5.50 15.81 -34.72
C GLY B 33 -6.46 14.83 -34.04
N THR B 34 -6.02 14.21 -32.93
CA THR B 34 -6.81 13.23 -32.18
C THR B 34 -6.96 13.63 -30.71
N ALA B 35 -8.17 13.49 -30.17
CA ALA B 35 -8.45 13.89 -28.79
C ALA B 35 -9.50 12.97 -28.19
N ALA B 36 -9.28 12.56 -26.94
CA ALA B 36 -10.18 11.66 -26.23
C ALA B 36 -11.34 12.42 -25.61
N ASP B 37 -12.48 11.75 -25.45
CA ASP B 37 -13.63 12.36 -24.81
C ASP B 37 -13.79 11.70 -23.46
N TYR B 38 -13.59 12.50 -22.42
CA TYR B 38 -13.61 11.99 -21.04
C TYR B 38 -15.00 11.73 -20.46
N LYS B 39 -16.00 12.52 -20.86
CA LYS B 39 -17.36 12.33 -20.37
C LYS B 39 -17.89 10.96 -20.73
N SER B 40 -17.68 10.56 -21.98
CA SER B 40 -18.07 9.22 -22.43
C SER B 40 -17.17 8.15 -21.83
N THR B 41 -15.88 8.44 -21.82
CA THR B 41 -14.88 7.57 -21.19
C THR B 41 -15.18 7.34 -19.70
N GLN B 42 -15.47 8.41 -18.96
CA GLN B 42 -15.79 8.28 -17.55
C GLN B 42 -17.08 7.51 -17.31
N SER B 43 -18.11 7.74 -18.12
CA SER B 43 -19.37 7.01 -17.95
C SER B 43 -19.14 5.50 -18.06
N ALA B 44 -18.34 5.09 -19.05
CA ALA B 44 -18.02 3.67 -19.23
C ALA B 44 -17.18 3.13 -18.08
N ILE B 45 -16.18 3.89 -17.67
CA ILE B 45 -15.33 3.52 -16.54
C ILE B 45 -16.14 3.38 -15.25
N ASP B 46 -17.00 4.35 -14.95
CA ASP B 46 -17.83 4.32 -13.74
C ASP B 46 -18.74 3.09 -13.69
N GLN B 47 -19.25 2.69 -14.85
CA GLN B 47 -20.15 1.56 -14.91
C GLN B 47 -19.42 0.22 -14.76
N ILE B 48 -18.24 0.10 -15.37
CA ILE B 48 -17.42 -1.10 -15.16
C ILE B 48 -16.97 -1.18 -13.70
N THR B 49 -16.53 -0.04 -13.17
CA THR B 49 -16.15 0.02 -11.77
C THR B 49 -17.27 -0.44 -10.85
N GLY B 50 -18.50 -0.07 -11.19
CA GLY B 50 -19.68 -0.53 -10.44
C GLY B 50 -19.87 -2.03 -10.40
N LYS B 51 -19.65 -2.68 -11.54
CA LYS B 51 -19.69 -4.15 -11.61
C LYS B 51 -18.65 -4.82 -10.72
N LEU B 52 -17.44 -4.27 -10.72
CA LEU B 52 -16.35 -4.79 -9.91
C LEU B 52 -16.60 -4.59 -8.43
N ASN B 53 -17.17 -3.46 -8.05
CA ASN B 53 -17.57 -3.23 -6.67
C ASN B 53 -18.56 -4.27 -6.17
N ARG B 54 -19.44 -4.71 -7.07
CA ARG B 54 -20.46 -5.75 -6.80
C ARG B 54 -19.91 -7.15 -6.68
N LEU B 55 -19.01 -7.49 -7.60
CA LEU B 55 -18.42 -8.84 -7.72
C LEU B 55 -17.23 -9.13 -6.79
N ILE B 56 -16.40 -8.15 -6.50
CA ILE B 56 -15.28 -8.32 -5.57
C ILE B 56 -15.74 -7.92 -4.14
N GLU B 57 -16.20 -8.89 -3.34
CA GLU B 57 -16.85 -8.63 -2.01
C GLU B 57 -16.80 -9.76 -0.93
N LYS B 58 -17.45 -9.52 0.23
CA LYS B 58 -17.56 -10.50 1.35
C LYS B 58 -18.74 -11.46 1.25
N THR B 59 -18.49 -12.76 1.39
CA THR B 59 -19.55 -13.68 1.75
C THR B 59 -19.25 -13.90 3.23
N ASN B 60 -20.03 -13.26 4.08
CA ASN B 60 -19.70 -13.23 5.48
C ASN B 60 -19.89 -14.61 6.12
N GLN B 61 -20.78 -15.42 5.53
CA GLN B 61 -21.01 -16.75 6.03
C GLN B 61 -19.69 -17.48 6.15
N GLN B 62 -19.47 -18.05 7.34
CA GLN B 62 -18.27 -18.79 7.64
C GLN B 62 -18.68 -20.24 7.80
N PHE B 63 -17.94 -21.14 7.18
CA PHE B 63 -18.24 -22.55 7.27
C PHE B 63 -17.17 -23.29 8.05
N GLU B 64 -17.63 -24.15 8.95
CA GLU B 64 -16.74 -24.97 9.76
C GLU B 64 -16.48 -26.27 9.01
N LEU B 65 -15.47 -27.02 9.46
CA LEU B 65 -15.29 -28.39 9.00
C LEU B 65 -16.49 -29.24 9.42
N ILE B 66 -17.01 -30.05 8.51
CA ILE B 66 -17.98 -31.08 8.86
C ILE B 66 -17.52 -32.51 8.58
N ASP B 67 -16.34 -32.67 7.99
CA ASP B 67 -15.72 -33.99 7.90
C ASP B 67 -14.26 -33.92 8.35
N ASN B 68 -13.52 -35.00 8.12
CA ASN B 68 -12.20 -35.11 8.69
C ASN B 68 -11.26 -35.77 7.70
N GLU B 69 -10.13 -35.09 7.47
CA GLU B 69 -9.17 -35.41 6.44
C GLU B 69 -8.15 -36.45 6.92
N PHE B 70 -8.00 -36.54 8.24
CA PHE B 70 -7.01 -37.40 8.86
C PHE B 70 -7.61 -38.72 9.33
N THR B 71 -8.81 -38.64 9.92
CA THR B 71 -9.54 -39.83 10.36
C THR B 71 -10.95 -39.76 9.79
N GLU B 72 -11.16 -40.49 8.70
CA GLU B 72 -12.40 -40.41 7.94
C GLU B 72 -13.64 -40.77 8.76
N VAL B 73 -14.67 -39.96 8.59
CA VAL B 73 -15.96 -40.19 9.24
C VAL B 73 -16.63 -41.47 8.74
N GLU B 74 -17.74 -41.86 9.37
CA GLU B 74 -18.51 -43.04 8.96
C GLU B 74 -18.81 -42.95 7.48
N LYS B 75 -18.88 -44.08 6.80
CA LYS B 75 -19.08 -44.04 5.34
C LYS B 75 -20.44 -43.56 4.90
N GLN B 76 -21.52 -43.84 5.63
CA GLN B 76 -22.83 -43.36 5.19
C GLN B 76 -22.94 -41.84 5.27
N ILE B 77 -22.61 -41.30 6.43
CA ILE B 77 -22.70 -39.86 6.63
C ILE B 77 -21.67 -39.16 5.75
N GLY B 78 -20.50 -39.76 5.60
CA GLY B 78 -19.46 -39.24 4.73
C GLY B 78 -19.91 -39.10 3.30
N ASN B 79 -20.61 -40.11 2.80
CA ASN B 79 -21.16 -40.05 1.45
C ASN B 79 -22.23 -38.99 1.30
N VAL B 80 -23.06 -38.79 2.33
CA VAL B 80 -24.07 -37.74 2.27
C VAL B 80 -23.39 -36.38 2.20
N ILE B 81 -22.35 -36.18 3.01
CA ILE B 81 -21.60 -34.93 3.04
C ILE B 81 -20.99 -34.63 1.68
N ASN B 82 -20.34 -35.64 1.11
CA ASN B 82 -19.67 -35.49 -0.17
C ASN B 82 -20.64 -35.20 -1.32
N TRP B 83 -21.75 -35.90 -1.32
CA TRP B 83 -22.82 -35.69 -2.29
C TRP B 83 -23.34 -34.27 -2.18
N THR B 84 -23.60 -33.81 -0.96
CA THR B 84 -24.06 -32.44 -0.75
C THR B 84 -23.00 -31.43 -1.19
N ARG B 85 -21.75 -31.61 -0.79
CA ARG B 85 -20.69 -30.71 -1.22
C ARG B 85 -20.51 -30.68 -2.72
N ASP B 86 -20.49 -31.84 -3.35
CA ASP B 86 -20.37 -31.92 -4.79
C ASP B 86 -21.56 -31.28 -5.50
N SER B 87 -22.75 -31.41 -4.94
CA SER B 87 -23.92 -30.72 -5.49
C SER B 87 -23.75 -29.20 -5.43
N MET B 88 -23.27 -28.69 -4.31
CA MET B 88 -22.96 -27.26 -4.15
C MET B 88 -21.86 -26.80 -5.09
N THR B 89 -20.82 -27.60 -5.25
CA THR B 89 -19.78 -27.29 -6.22
C THR B 89 -20.36 -27.13 -7.62
N GLU B 90 -21.30 -28.00 -7.97
CA GLU B 90 -21.96 -27.98 -9.28
C GLU B 90 -22.79 -26.71 -9.47
N VAL B 91 -23.54 -26.34 -8.45
CA VAL B 91 -24.35 -25.12 -8.47
C VAL B 91 -23.50 -23.88 -8.60
N TRP B 92 -22.48 -23.76 -7.78
CA TRP B 92 -21.62 -22.60 -7.82
C TRP B 92 -20.79 -22.47 -9.10
N SER B 93 -20.30 -23.59 -9.63
CA SER B 93 -19.56 -23.56 -10.88
C SER B 93 -20.47 -23.07 -12.03
N TYR B 94 -21.71 -23.56 -12.03
CA TYR B 94 -22.70 -23.11 -12.98
C TYR B 94 -23.03 -21.63 -12.79
N ASN B 95 -23.25 -21.22 -11.55
CA ASN B 95 -23.52 -19.82 -11.25
C ASN B 95 -22.40 -18.89 -11.71
N ALA B 96 -21.17 -19.25 -11.41
CA ALA B 96 -20.02 -18.42 -11.78
C ALA B 96 -19.88 -18.28 -13.27
N GLU B 97 -20.00 -19.39 -14.00
CA GLU B 97 -19.95 -19.38 -15.47
C GLU B 97 -20.99 -18.46 -16.10
N LEU B 98 -22.23 -18.55 -15.61
CA LEU B 98 -23.34 -17.78 -16.15
C LEU B 98 -23.21 -16.30 -15.80
N LEU B 99 -22.82 -16.02 -14.55
CA LEU B 99 -22.57 -14.64 -14.13
C LEU B 99 -21.58 -13.92 -15.03
N VAL B 100 -20.43 -14.55 -15.24
CA VAL B 100 -19.36 -13.93 -16.02
C VAL B 100 -19.76 -13.78 -17.49
N ALA B 101 -20.45 -14.78 -18.04
CA ALA B 101 -20.93 -14.70 -19.42
C ALA B 101 -21.94 -13.58 -19.60
N MET B 102 -22.90 -13.51 -18.69
CA MET B 102 -23.92 -12.45 -18.71
C MET B 102 -23.32 -11.06 -18.55
N GLU B 103 -22.41 -10.92 -17.60
CA GLU B 103 -21.77 -9.62 -17.35
C GLU B 103 -20.90 -9.20 -18.52
N ASN B 104 -20.19 -10.15 -19.11
CA ASN B 104 -19.35 -9.85 -20.28
C ASN B 104 -20.14 -9.41 -21.50
N GLN B 105 -21.27 -10.06 -21.75
CA GLN B 105 -22.17 -9.65 -22.82
C GLN B 105 -22.59 -8.21 -22.60
N HIS B 106 -23.02 -7.91 -21.38
CA HIS B 106 -23.48 -6.56 -21.05
C HIS B 106 -22.36 -5.56 -21.11
N THR B 107 -21.16 -5.93 -20.68
CA THR B 107 -20.04 -5.01 -20.66
C THR B 107 -19.67 -4.59 -22.09
N ILE B 108 -19.63 -5.55 -23.01
CA ILE B 108 -19.33 -5.28 -24.42
C ILE B 108 -20.41 -4.42 -25.06
N ASP B 109 -21.68 -4.77 -24.82
CA ASP B 109 -22.81 -3.99 -25.33
C ASP B 109 -22.86 -2.59 -24.72
N LEU B 110 -22.45 -2.47 -23.47
CA LEU B 110 -22.41 -1.19 -22.77
C LEU B 110 -21.41 -0.25 -23.40
N ALA B 111 -20.22 -0.76 -23.69
CA ALA B 111 -19.18 0.05 -24.33
C ALA B 111 -19.61 0.50 -25.72
N ASP B 112 -20.20 -0.44 -26.47
CA ASP B 112 -20.78 -0.18 -27.79
C ASP B 112 -21.89 0.89 -27.72
N SER B 113 -22.68 0.87 -26.66
CA SER B 113 -23.73 1.87 -26.43
C SER B 113 -23.15 3.26 -26.24
N GLU B 114 -22.16 3.38 -25.37
CA GLU B 114 -21.51 4.69 -25.10
C GLU B 114 -20.89 5.30 -26.35
N MET B 115 -20.33 4.45 -27.22
CA MET B 115 -19.77 4.90 -28.49
C MET B 115 -20.85 5.44 -29.39
N ASN B 116 -21.97 4.73 -29.45
CA ASN B 116 -23.11 5.15 -30.25
C ASN B 116 -23.69 6.47 -29.76
N LYS B 117 -23.83 6.60 -28.44
CA LYS B 117 -24.38 7.81 -27.82
C LYS B 117 -23.56 9.05 -28.15
N LEU B 118 -22.23 8.91 -28.09
CA LEU B 118 -21.34 10.00 -28.47
C LEU B 118 -21.48 10.39 -29.94
N TYR B 119 -21.63 9.41 -30.81
CA TYR B 119 -21.81 9.64 -32.25
C TYR B 119 -23.09 10.39 -32.54
N GLU B 120 -24.18 9.95 -31.93
CA GLU B 120 -25.48 10.59 -32.12
C GLU B 120 -25.55 11.97 -31.52
N ARG B 121 -24.84 12.19 -30.42
CA ARG B 121 -24.77 13.50 -29.80
C ARG B 121 -24.11 14.51 -30.75
N VAL B 122 -23.03 14.09 -31.41
CA VAL B 122 -22.35 14.93 -32.40
C VAL B 122 -23.23 15.16 -33.62
N LYS B 123 -23.88 14.11 -34.11
CA LYS B 123 -24.74 14.24 -35.28
C LYS B 123 -25.78 15.31 -35.04
N ARG B 124 -26.41 15.29 -33.86
CA ARG B 124 -27.43 16.29 -33.57
C ARG B 124 -26.87 17.69 -33.49
N GLN B 125 -25.64 17.83 -32.98
CA GLN B 125 -24.97 19.13 -32.86
C GLN B 125 -24.85 19.92 -34.15
N LEU B 126 -24.40 19.24 -35.20
CA LEU B 126 -24.15 19.87 -36.48
C LEU B 126 -25.16 19.49 -37.54
N ARG B 127 -26.42 19.50 -37.15
CA ARG B 127 -27.51 19.18 -38.05
C ARG B 127 -27.54 20.14 -39.24
N GLU B 128 -27.67 19.58 -40.44
CA GLU B 128 -27.74 20.37 -41.69
C GLU B 128 -26.46 21.13 -42.07
N ASN B 129 -25.41 20.98 -41.27
CA ASN B 129 -24.08 21.50 -41.55
C ASN B 129 -23.11 20.41 -42.00
N ALA B 130 -23.44 19.15 -41.75
CA ALA B 130 -22.61 18.02 -42.17
C ALA B 130 -23.46 16.82 -42.50
N GLU B 131 -22.83 15.80 -43.05
CA GLU B 131 -23.50 14.55 -43.43
C GLU B 131 -22.75 13.31 -42.94
N GLU B 132 -23.47 12.28 -42.51
CA GLU B 132 -22.85 11.04 -42.08
C GLU B 132 -22.09 10.36 -43.23
N ASP B 133 -20.82 10.02 -42.98
CA ASP B 133 -19.98 9.31 -43.96
C ASP B 133 -20.37 7.85 -44.02
N GLY B 134 -20.45 7.22 -42.85
CA GLY B 134 -20.73 5.79 -42.76
C GLY B 134 -19.60 5.02 -42.14
N THR B 135 -18.46 5.66 -41.92
CA THR B 135 -17.32 5.08 -41.21
C THR B 135 -17.21 5.62 -39.79
N GLY B 136 -18.26 6.30 -39.32
CA GLY B 136 -18.22 7.06 -38.09
C GLY B 136 -17.63 8.44 -38.28
N CYS B 137 -17.59 8.92 -39.51
CA CYS B 137 -17.07 10.25 -39.85
C CYS B 137 -18.21 11.19 -40.25
N PHE B 138 -18.05 12.47 -39.92
CA PHE B 138 -18.96 13.51 -40.38
C PHE B 138 -18.23 14.39 -41.38
N GLU B 139 -18.66 14.36 -42.64
CA GLU B 139 -18.16 15.30 -43.63
C GLU B 139 -18.81 16.66 -43.43
N ILE B 140 -18.00 17.66 -43.07
CA ILE B 140 -18.51 18.99 -42.77
C ILE B 140 -18.34 19.88 -43.98
N PHE B 141 -19.44 20.47 -44.43
CA PHE B 141 -19.39 21.31 -45.63
C PHE B 141 -18.71 22.67 -45.49
N HIS B 142 -18.94 23.39 -44.40
CA HIS B 142 -18.21 24.66 -44.20
C HIS B 142 -16.79 24.44 -43.71
N LYS B 143 -15.97 25.49 -43.79
CA LYS B 143 -14.62 25.49 -43.28
C LYS B 143 -14.64 25.43 -41.76
N CYS B 144 -13.93 24.48 -41.18
CA CYS B 144 -13.93 24.26 -39.74
C CYS B 144 -12.51 24.19 -39.22
N ASP B 145 -12.04 25.31 -38.66
CA ASP B 145 -10.67 25.39 -38.12
C ASP B 145 -10.57 24.65 -36.78
N ASP B 146 -9.37 24.62 -36.20
CA ASP B 146 -9.13 23.90 -34.93
C ASP B 146 -10.01 24.40 -33.80
N ASP B 147 -10.28 25.71 -33.78
CA ASP B 147 -11.21 26.28 -32.79
C ASP B 147 -12.63 25.80 -33.05
N CYS B 148 -12.99 25.64 -34.32
CA CYS B 148 -14.28 25.07 -34.72
C CYS B 148 -14.38 23.58 -34.36
N MET B 149 -13.31 22.82 -34.59
CA MET B 149 -13.28 21.40 -34.22
C MET B 149 -13.33 21.23 -32.72
N ALA B 150 -12.57 22.05 -32.00
CA ALA B 150 -12.58 22.03 -30.55
C ALA B 150 -13.94 22.42 -29.98
N SER B 151 -14.71 23.24 -30.69
CA SER B 151 -16.08 23.59 -30.27
C SER B 151 -17.04 22.42 -30.38
N ILE B 152 -16.83 21.57 -31.38
CA ILE B 152 -17.61 20.34 -31.53
C ILE B 152 -17.32 19.39 -30.37
N ARG B 153 -16.04 19.13 -30.13
CA ARG B 153 -15.62 18.30 -29.01
C ARG B 153 -16.13 18.85 -27.70
N ASN B 154 -15.97 20.14 -27.50
CA ASN B 154 -16.39 20.79 -26.27
C ASN B 154 -17.88 20.76 -26.06
N ASN B 155 -18.61 20.72 -27.18
CA ASN B 155 -20.07 20.71 -27.17
C ASN B 155 -20.69 22.11 -27.19
N THR B 156 -19.88 23.13 -27.43
CA THR B 156 -20.37 24.49 -27.56
C THR B 156 -20.74 24.86 -28.99
N TYR B 157 -20.30 24.06 -29.95
CA TYR B 157 -20.54 24.31 -31.37
C TYR B 157 -21.93 24.90 -31.63
N ASP B 158 -21.98 25.98 -32.44
CA ASP B 158 -23.23 26.68 -32.76
C ASP B 158 -23.49 26.50 -34.26
N HIS B 159 -24.44 25.66 -34.62
CA HIS B 159 -24.69 25.35 -36.04
C HIS B 159 -25.25 26.53 -36.84
N SER B 160 -26.02 27.40 -36.18
CA SER B 160 -26.64 28.55 -36.84
C SER B 160 -25.59 29.53 -37.37
N ARG B 161 -24.44 29.60 -36.70
CA ARG B 161 -23.31 30.41 -37.13
C ARG B 161 -22.82 30.04 -38.52
N TYR B 162 -22.75 28.75 -38.83
CA TYR B 162 -22.24 28.29 -40.12
C TYR B 162 -23.30 27.67 -41.02
N ARG B 163 -24.57 27.78 -40.68
CA ARG B 163 -25.60 27.11 -41.48
C ARG B 163 -25.77 27.64 -42.91
N GLU B 164 -25.73 28.96 -43.13
CA GLU B 164 -25.94 29.49 -44.49
C GLU B 164 -24.90 29.00 -45.49
N GLU B 165 -23.64 29.00 -45.06
CA GLU B 165 -22.50 28.54 -45.85
C GLU B 165 -22.53 27.04 -46.16
N ALA B 166 -22.91 26.27 -45.14
CA ALA B 166 -22.93 24.81 -45.21
C ALA B 166 -24.12 24.29 -45.99
N MET B 167 -25.30 24.85 -45.72
CA MET B 167 -26.52 24.45 -46.42
C MET B 167 -26.43 24.74 -47.92
N GLN B 168 -25.89 25.91 -48.26
CA GLN B 168 -25.76 26.38 -49.62
C GLN B 168 -24.71 25.61 -50.39
N ASN B 169 -23.88 24.86 -49.66
CA ASN B 169 -22.86 24.04 -50.25
C ASN B 169 -23.37 22.66 -50.62
N ARG B 170 -24.69 22.53 -50.75
CA ARG B 170 -25.33 21.30 -51.21
C ARG B 170 -26.18 21.55 -52.44
N GLN C 1 11.96 -0.91 -9.81
CA GLN C 1 13.06 0.08 -9.58
C GLN C 1 13.32 0.91 -10.84
N VAL C 2 12.28 1.52 -11.41
CA VAL C 2 12.48 2.38 -12.57
C VAL C 2 13.25 3.61 -12.10
N GLN C 3 14.15 4.10 -12.92
CA GLN C 3 14.94 5.26 -12.57
C GLN C 3 15.07 6.19 -13.78
N LEU C 4 14.63 7.44 -13.64
CA LEU C 4 14.80 8.42 -14.70
C LEU C 4 15.92 9.39 -14.37
N GLN C 5 16.95 9.42 -15.22
CA GLN C 5 18.13 10.22 -14.98
C GLN C 5 18.21 11.27 -16.06
N GLN C 6 18.35 12.51 -15.63
CA GLN C 6 18.22 13.70 -16.48
C GLN C 6 19.57 14.34 -16.70
N SER C 7 19.85 14.77 -17.92
CA SER C 7 21.06 15.53 -18.19
C SER C 7 20.78 16.61 -19.21
N GLY C 8 21.72 17.54 -19.31
CA GLY C 8 21.65 18.65 -20.26
C GLY C 8 22.03 19.94 -19.58
N PRO C 9 22.46 20.94 -20.38
CA PRO C 9 22.91 22.19 -19.81
C PRO C 9 21.77 22.95 -19.14
N GLY C 10 22.08 23.57 -18.00
CA GLY C 10 21.14 24.41 -17.27
C GLY C 10 21.24 25.89 -17.59
N LEU C 11 22.04 26.25 -18.60
CA LEU C 11 22.14 27.62 -19.10
C LEU C 11 21.92 27.66 -20.62
N VAL C 12 20.95 28.44 -21.07
CA VAL C 12 20.67 28.59 -22.51
C VAL C 12 20.56 30.07 -22.82
N LYS C 13 21.16 30.52 -23.93
CA LYS C 13 21.08 31.92 -24.31
C LYS C 13 19.70 32.22 -24.91
N PRO C 14 19.18 33.47 -24.73
CA PRO C 14 17.88 33.78 -25.33
C PRO C 14 17.92 33.59 -26.84
N SER C 15 16.79 33.15 -27.41
CA SER C 15 16.63 32.83 -28.84
C SER C 15 17.28 31.52 -29.28
N GLN C 16 18.01 30.82 -28.42
CA GLN C 16 18.65 29.58 -28.82
C GLN C 16 17.88 28.37 -28.31
N THR C 17 18.47 27.18 -28.41
CA THR C 17 17.75 25.96 -28.18
C THR C 17 18.12 25.31 -26.84
N LEU C 18 17.09 24.97 -26.07
CA LEU C 18 17.25 24.20 -24.84
C LEU C 18 17.19 22.73 -25.21
N SER C 19 18.18 21.97 -24.76
CA SER C 19 18.23 20.56 -25.09
C SER C 19 18.49 19.74 -23.83
N LEU C 20 17.54 18.87 -23.48
CA LEU C 20 17.66 17.99 -22.32
C LEU C 20 17.47 16.52 -22.69
N THR C 21 18.01 15.63 -21.85
CA THR C 21 17.87 14.18 -22.04
C THR C 21 17.42 13.50 -20.77
N CYS C 22 16.52 12.53 -20.91
CA CYS C 22 16.12 11.64 -19.83
C CYS C 22 16.49 10.22 -20.21
N ALA C 23 17.35 9.58 -19.41
CA ALA C 23 17.79 8.21 -19.68
C ALA C 23 17.05 7.26 -18.75
N ILE C 24 16.40 6.27 -19.34
CA ILE C 24 15.52 5.39 -18.61
C ILE C 24 16.28 4.11 -18.23
N SER C 25 16.05 3.63 -17.02
CA SER C 25 16.49 2.30 -16.64
C SER C 25 15.34 1.64 -15.88
N GLY C 26 15.20 0.33 -16.03
CA GLY C 26 14.09 -0.41 -15.43
C GLY C 26 12.83 -0.50 -16.27
N ASP C 27 12.83 0.12 -17.46
CA ASP C 27 11.68 0.09 -18.35
C ASP C 27 12.16 0.51 -19.74
N SER C 28 11.31 0.34 -20.75
CA SER C 28 11.70 0.58 -22.13
C SER C 28 11.03 1.82 -22.69
N VAL C 29 11.79 2.69 -23.32
CA VAL C 29 11.22 3.86 -23.97
C VAL C 29 10.12 3.48 -24.94
N SER C 30 10.21 2.29 -25.52
CA SER C 30 9.19 1.86 -26.48
C SER C 30 8.14 0.91 -25.89
N SER C 31 8.07 0.85 -24.56
CA SER C 31 7.11 -0.03 -23.90
C SER C 31 5.68 0.37 -24.19
N TYR C 32 4.84 -0.65 -24.36
CA TYR C 32 3.43 -0.47 -24.56
C TYR C 32 2.77 0.13 -23.32
N ASN C 33 3.36 -0.12 -22.16
CA ASN C 33 2.79 0.29 -20.87
C ASN C 33 3.49 1.51 -20.27
N ALA C 34 4.00 2.39 -21.12
CA ALA C 34 4.57 3.64 -20.66
C ALA C 34 4.29 4.78 -21.61
N VAL C 35 4.22 5.98 -21.03
CA VAL C 35 4.21 7.25 -21.75
C VAL C 35 5.30 8.13 -21.17
N TRP C 36 6.09 8.78 -22.02
CA TRP C 36 7.24 9.52 -21.56
C TRP C 36 7.01 11.03 -21.71
N ASN C 37 6.95 11.74 -20.58
CA ASN C 37 6.53 13.13 -20.55
C ASN C 37 7.64 14.09 -20.11
N TRP C 38 7.51 15.35 -20.52
CA TRP C 38 8.26 16.46 -19.92
C TRP C 38 7.28 17.45 -19.27
N ILE C 39 7.64 17.90 -18.07
CA ILE C 39 6.86 18.86 -17.28
C ILE C 39 7.86 19.89 -16.75
N ARG C 40 7.48 21.15 -16.69
CA ARG C 40 8.34 22.14 -16.07
C ARG C 40 7.63 22.84 -14.91
N GLN C 41 8.43 23.45 -14.03
CA GLN C 41 7.93 24.14 -12.85
C GLN C 41 8.66 25.46 -12.62
N SER C 42 7.91 26.55 -12.43
CA SER C 42 8.49 27.84 -12.07
C SER C 42 7.70 28.45 -10.93
N PRO C 43 8.35 29.26 -10.07
CA PRO C 43 7.60 29.86 -8.96
C PRO C 43 6.39 30.66 -9.44
N SER C 44 6.47 31.17 -10.67
CA SER C 44 5.36 31.89 -11.31
C SER C 44 4.25 30.98 -11.86
N ARG C 45 4.58 30.28 -12.95
CA ARG C 45 3.63 29.50 -13.73
C ARG C 45 3.13 28.24 -13.03
N GLY C 46 3.87 27.75 -12.03
CA GLY C 46 3.52 26.51 -11.32
C GLY C 46 3.97 25.32 -12.11
N LEU C 47 3.25 24.21 -12.00
CA LEU C 47 3.53 22.98 -12.79
C LEU C 47 2.84 23.03 -14.15
N GLU C 48 3.62 22.80 -15.21
CA GLU C 48 3.10 22.89 -16.58
C GLU C 48 3.57 21.73 -17.44
N TRP C 49 2.62 20.93 -17.91
CA TRP C 49 2.93 19.81 -18.80
C TRP C 49 3.43 20.40 -20.11
N LEU C 50 4.45 19.80 -20.73
CA LEU C 50 4.97 20.30 -22.01
C LEU C 50 4.65 19.40 -23.20
N GLY C 51 4.78 18.09 -23.01
CA GLY C 51 4.59 17.16 -24.12
C GLY C 51 4.99 15.75 -23.77
N ARG C 52 4.85 14.87 -24.75
CA ARG C 52 5.17 13.47 -24.55
C ARG C 52 5.45 12.73 -25.83
N THR C 53 6.02 11.54 -25.67
CA THR C 53 6.10 10.57 -26.73
C THR C 53 5.81 9.17 -26.17
N TYR C 54 5.29 8.30 -27.03
CA TYR C 54 5.01 6.91 -26.66
C TYR C 54 4.90 6.03 -27.89
N TYR C 55 5.08 4.73 -27.69
CA TYR C 55 5.02 3.77 -28.77
C TYR C 55 3.85 2.85 -28.61
N ARG C 56 3.01 2.77 -29.62
CA ARG C 56 1.94 1.79 -29.67
C ARG C 56 1.88 1.28 -31.10
N SER C 57 2.85 0.43 -31.45
CA SER C 57 2.95 -0.07 -32.80
C SER C 57 3.06 1.12 -33.76
N GLY C 58 3.92 2.06 -33.37
CA GLY C 58 4.24 3.29 -34.11
C GLY C 58 4.42 4.40 -33.10
N TRP C 59 5.24 5.39 -33.40
CA TRP C 59 5.51 6.47 -32.46
C TRP C 59 4.46 7.58 -32.53
N TYR C 60 4.05 8.07 -31.37
CA TYR C 60 3.14 9.22 -31.27
C TYR C 60 3.79 10.32 -30.44
N ASN C 61 3.42 11.57 -30.72
CA ASN C 61 3.82 12.73 -29.90
C ASN C 61 2.64 13.66 -29.73
N ASP C 62 2.47 14.21 -28.53
CA ASP C 62 1.49 15.28 -28.26
C ASP C 62 2.22 16.39 -27.53
N TYR C 63 1.82 17.64 -27.75
CA TYR C 63 2.48 18.77 -27.09
C TYR C 63 1.49 19.80 -26.57
N ALA C 64 1.89 20.50 -25.50
CA ALA C 64 1.06 21.58 -24.96
C ALA C 64 0.93 22.71 -25.96
N GLU C 65 -0.28 23.25 -26.06
CA GLU C 65 -0.53 24.31 -27.02
C GLU C 65 0.42 25.49 -26.82
N SER C 66 0.76 25.79 -25.58
CA SER C 66 1.67 26.91 -25.27
C SER C 66 3.09 26.81 -25.88
N VAL C 67 3.58 25.60 -26.13
CA VAL C 67 4.94 25.42 -26.68
C VAL C 67 4.99 24.68 -28.00
N LYS C 68 3.82 24.36 -28.53
CA LYS C 68 3.70 23.49 -29.71
C LYS C 68 4.56 23.92 -30.89
N SER C 69 4.70 25.23 -31.11
CA SER C 69 5.46 25.74 -32.23
C SER C 69 6.97 25.61 -32.06
N ARG C 70 7.46 25.33 -30.85
CA ARG C 70 8.90 25.36 -30.55
C ARG C 70 9.49 24.01 -30.10
N ILE C 71 8.64 23.03 -29.86
CA ILE C 71 9.04 21.88 -29.05
C ILE C 71 9.12 20.60 -29.87
N THR C 72 10.10 19.76 -29.53
CA THR C 72 10.24 18.44 -30.10
C THR C 72 10.67 17.50 -28.99
N ILE C 73 10.03 16.34 -28.91
CA ILE C 73 10.40 15.30 -27.96
C ILE C 73 10.60 14.01 -28.74
N ASN C 74 11.84 13.54 -28.80
CA ASN C 74 12.17 12.36 -29.57
C ASN C 74 12.76 11.22 -28.75
N PRO C 75 12.32 9.97 -29.05
CA PRO C 75 12.90 8.79 -28.43
C PRO C 75 14.21 8.39 -29.09
N ASP C 76 15.12 7.82 -28.31
CA ASP C 76 16.29 7.15 -28.85
C ASP C 76 16.21 5.72 -28.34
N THR C 77 15.96 4.78 -29.24
CA THR C 77 15.84 3.37 -28.84
C THR C 77 17.17 2.65 -28.80
N SER C 78 18.26 3.35 -29.12
CA SER C 78 19.60 2.77 -28.98
C SER C 78 20.13 2.97 -27.58
N LYS C 79 19.84 4.11 -26.97
CA LYS C 79 20.32 4.44 -25.63
C LYS C 79 19.23 4.43 -24.56
N ASN C 80 18.02 4.01 -24.95
CA ASN C 80 16.86 4.00 -24.07
C ASN C 80 16.66 5.33 -23.36
N GLN C 81 16.54 6.39 -24.16
CA GLN C 81 16.32 7.71 -23.61
C GLN C 81 15.35 8.47 -24.49
N PHE C 82 14.91 9.62 -24.00
CA PHE C 82 14.13 10.52 -24.80
C PHE C 82 14.54 11.95 -24.47
N SER C 83 14.39 12.83 -25.43
CA SER C 83 14.91 14.16 -25.29
C SER C 83 13.83 15.21 -25.31
N LEU C 84 14.20 16.41 -24.87
CA LEU C 84 13.37 17.59 -25.02
C LEU C 84 14.19 18.60 -25.80
N GLN C 85 13.58 19.17 -26.84
CA GLN C 85 14.21 20.24 -27.58
C GLN C 85 13.23 21.42 -27.66
N LEU C 86 13.68 22.58 -27.18
CA LEU C 86 12.84 23.77 -27.14
C LEU C 86 13.59 24.85 -27.87
N ASN C 87 13.01 25.33 -28.97
CA ASN C 87 13.67 26.33 -29.81
C ASN C 87 13.27 27.73 -29.40
N SER C 88 14.10 28.72 -29.76
CA SER C 88 13.80 30.15 -29.57
C SER C 88 13.39 30.51 -28.13
N VAL C 89 14.21 30.12 -27.15
CA VAL C 89 13.83 30.32 -25.74
C VAL C 89 13.81 31.79 -25.33
N THR C 90 12.96 32.12 -24.36
CA THR C 90 12.88 33.46 -23.80
C THR C 90 12.98 33.34 -22.29
N PRO C 91 13.21 34.46 -21.58
CA PRO C 91 13.26 34.37 -20.11
C PRO C 91 12.07 33.67 -19.46
N GLU C 92 10.92 33.66 -20.14
CA GLU C 92 9.75 32.94 -19.63
C GLU C 92 9.92 31.41 -19.64
N ASP C 93 10.98 30.89 -20.27
CA ASP C 93 11.27 29.45 -20.26
C ASP C 93 12.20 29.06 -19.12
N THR C 94 12.61 30.00 -18.29
CA THR C 94 13.40 29.70 -17.10
C THR C 94 12.54 28.95 -16.09
N ALA C 95 12.98 27.76 -15.71
CA ALA C 95 12.19 26.82 -14.91
C ALA C 95 12.99 25.58 -14.55
N VAL C 96 12.43 24.74 -13.67
CA VAL C 96 12.97 23.39 -13.46
C VAL C 96 12.23 22.44 -14.40
N TYR C 97 12.96 21.66 -15.18
CA TYR C 97 12.37 20.72 -16.13
C TYR C 97 12.47 19.30 -15.58
N TYR C 98 11.34 18.58 -15.58
CA TYR C 98 11.27 17.20 -15.10
C TYR C 98 10.84 16.26 -16.23
N CYS C 99 11.45 15.09 -16.34
CA CYS C 99 10.89 14.02 -17.17
C CYS C 99 10.04 13.13 -16.26
N ALA C 100 9.03 12.46 -16.83
CA ALA C 100 8.10 11.67 -16.02
C ALA C 100 7.38 10.61 -16.82
N ARG C 101 7.21 9.43 -16.23
CA ARG C 101 6.49 8.34 -16.86
C ARG C 101 5.05 8.42 -16.41
N SER C 102 4.14 8.27 -17.36
CA SER C 102 2.73 8.06 -17.04
C SER C 102 2.21 6.85 -17.77
N GLY C 103 0.97 6.50 -17.49
CA GLY C 103 0.30 5.46 -18.26
C GLY C 103 0.81 4.06 -17.93
N HIS C 104 1.74 3.98 -16.98
CA HIS C 104 2.05 2.72 -16.36
C HIS C 104 0.89 2.36 -15.49
N ILE C 105 0.34 3.39 -14.85
CA ILE C 105 -0.75 3.22 -13.91
C ILE C 105 -2.01 3.67 -14.64
N THR C 106 -2.98 2.77 -14.72
CA THR C 106 -4.14 2.98 -15.54
C THR C 106 -5.42 2.50 -14.88
N VAL C 107 -6.53 3.07 -15.36
CA VAL C 107 -7.86 2.66 -14.98
C VAL C 107 -8.32 1.82 -16.14
N PHE C 108 -8.39 0.50 -15.97
CA PHE C 108 -8.90 -0.39 -17.02
C PHE C 108 -8.24 -0.19 -18.39
N GLY C 109 -6.92 0.00 -18.35
CA GLY C 109 -6.15 0.10 -19.57
C GLY C 109 -6.18 1.46 -20.22
N VAL C 110 -6.86 2.45 -19.62
CA VAL C 110 -6.88 3.79 -20.18
C VAL C 110 -5.87 4.64 -19.46
N ASN C 111 -4.87 5.15 -20.17
CA ASN C 111 -3.92 6.07 -19.54
C ASN C 111 -4.77 7.17 -18.96
N VAL C 112 -4.61 7.40 -17.68
CA VAL C 112 -5.30 8.45 -17.00
C VAL C 112 -4.28 9.54 -16.61
N ASP C 113 -3.09 9.46 -17.21
CA ASP C 113 -2.04 10.46 -17.02
C ASP C 113 -1.77 10.60 -15.53
N ALA C 114 -1.37 9.49 -14.92
CA ALA C 114 -0.81 9.49 -13.59
C ALA C 114 0.70 9.47 -13.79
N PHE C 115 1.44 10.42 -13.20
CA PHE C 115 2.89 10.46 -13.36
C PHE C 115 3.55 9.74 -12.19
N ASP C 116 3.84 8.45 -12.37
CA ASP C 116 4.21 7.59 -11.27
C ASP C 116 5.68 7.69 -10.92
N MET C 117 6.51 8.13 -11.86
CA MET C 117 7.93 8.30 -11.61
C MET C 117 8.45 9.50 -12.33
N TRP C 118 9.29 10.27 -11.65
CA TRP C 118 9.82 11.53 -12.15
C TRP C 118 11.34 11.50 -12.12
N GLY C 119 11.96 12.25 -13.02
CA GLY C 119 13.39 12.50 -12.96
C GLY C 119 13.72 13.48 -11.86
N GLN C 120 15.02 13.70 -11.63
CA GLN C 120 15.46 14.55 -10.53
C GLN C 120 15.25 16.03 -10.80
N GLY C 121 15.04 16.41 -12.06
CA GLY C 121 14.86 17.81 -12.43
C GLY C 121 16.14 18.40 -12.95
N THR C 122 16.02 19.34 -13.89
CA THR C 122 17.17 20.10 -14.38
C THR C 122 16.73 21.55 -14.27
N MET C 123 17.45 22.36 -13.50
CA MET C 123 17.15 23.77 -13.43
C MET C 123 17.75 24.45 -14.64
N VAL C 124 16.92 25.12 -15.43
CA VAL C 124 17.39 25.79 -16.64
C VAL C 124 17.20 27.30 -16.49
N THR C 125 18.28 28.06 -16.72
CA THR C 125 18.21 29.51 -16.74
C THR C 125 18.44 30.03 -18.16
N VAL C 126 17.53 30.86 -18.66
CA VAL C 126 17.71 31.54 -19.93
C VAL C 126 18.36 32.88 -19.66
N SER C 127 19.62 33.02 -20.05
CA SER C 127 20.34 34.28 -19.84
C SER C 127 21.51 34.41 -20.79
N SER C 128 21.86 35.65 -21.12
CA SER C 128 23.01 35.93 -21.95
C SER C 128 24.24 36.12 -21.08
N ALA C 129 24.08 35.99 -19.76
CA ALA C 129 25.18 36.10 -18.81
C ALA C 129 26.10 34.88 -18.84
N SER C 130 27.40 35.15 -19.01
CA SER C 130 28.40 34.10 -18.96
C SER C 130 28.42 33.53 -17.56
N THR C 131 28.68 32.24 -17.46
CA THR C 131 28.81 31.57 -16.17
C THR C 131 30.03 32.07 -15.37
N LYS C 132 29.93 32.04 -14.05
CA LYS C 132 31.06 32.37 -13.19
C LYS C 132 31.28 31.32 -12.10
N GLY C 133 32.53 31.10 -11.73
CA GLY C 133 32.88 30.17 -10.65
C GLY C 133 32.56 30.74 -9.28
N PRO C 134 32.30 29.89 -8.28
CA PRO C 134 32.05 30.36 -6.93
C PRO C 134 33.28 30.31 -6.05
N SER C 135 33.59 31.42 -5.38
CA SER C 135 34.65 31.44 -4.37
C SER C 135 34.13 30.70 -3.13
N VAL C 136 35.00 29.98 -2.43
CA VAL C 136 34.58 29.27 -1.21
C VAL C 136 35.46 29.66 -0.04
N PHE C 137 34.84 30.20 1.01
CA PHE C 137 35.58 30.67 2.19
C PHE C 137 35.10 29.91 3.43
N PRO C 138 36.01 29.62 4.37
CA PRO C 138 35.64 28.91 5.59
C PRO C 138 34.89 29.81 6.60
N LEU C 139 33.91 29.24 7.29
CA LEU C 139 33.27 29.90 8.42
C LEU C 139 33.77 29.17 9.66
N ALA C 140 34.81 29.73 10.28
CA ALA C 140 35.61 29.04 11.28
C ALA C 140 34.94 28.93 12.65
N PRO C 141 35.05 27.77 13.31
CA PRO C 141 34.55 27.66 14.68
C PRO C 141 35.42 28.46 15.68
N SER C 142 34.80 29.35 16.45
CA SER C 142 35.53 30.19 17.43
C SER C 142 35.28 29.74 18.88
N GLY C 149 28.50 22.22 24.86
CA GLY C 149 29.74 21.86 24.18
C GLY C 149 29.55 21.59 22.70
N THR C 150 28.81 22.47 22.04
CA THR C 150 28.53 22.34 20.61
C THR C 150 29.24 23.42 19.82
N ALA C 151 29.86 23.06 18.71
CA ALA C 151 30.51 24.03 17.84
C ALA C 151 29.86 24.05 16.48
N ALA C 152 29.77 25.23 15.89
CA ALA C 152 29.25 25.38 14.54
C ALA C 152 30.38 25.80 13.62
N LEU C 153 30.45 25.18 12.45
CA LEU C 153 31.39 25.61 11.42
C LEU C 153 30.69 25.58 10.08
N GLY C 154 31.30 26.18 9.06
CA GLY C 154 30.66 26.22 7.75
C GLY C 154 31.53 26.67 6.60
N CYS C 155 30.92 26.78 5.43
CA CYS C 155 31.57 27.29 4.23
C CYS C 155 30.67 28.34 3.58
N LEU C 156 31.25 29.50 3.22
CA LEU C 156 30.53 30.53 2.47
C LEU C 156 30.82 30.33 0.99
N VAL C 157 29.78 30.11 0.20
CA VAL C 157 29.93 29.87 -1.23
C VAL C 157 29.44 31.11 -1.96
N LYS C 158 30.38 31.93 -2.42
CA LYS C 158 30.06 33.30 -2.83
C LYS C 158 30.27 33.60 -4.31
N ASP C 159 29.35 34.37 -4.89
CA ASP C 159 29.47 34.96 -6.23
C ASP C 159 29.55 33.97 -7.37
N TYR C 160 28.50 33.17 -7.55
CA TYR C 160 28.42 32.24 -8.70
C TYR C 160 27.16 32.48 -9.53
N PHE C 161 27.18 31.96 -10.74
CA PHE C 161 26.03 32.06 -11.65
C PHE C 161 26.14 30.97 -12.72
N PRO C 162 25.04 30.30 -13.06
CA PRO C 162 23.71 30.38 -12.46
C PRO C 162 23.61 29.35 -11.34
N GLU C 163 22.40 29.15 -10.82
CA GLU C 163 22.15 28.04 -9.91
C GLU C 163 22.21 26.72 -10.70
N PRO C 164 22.43 25.58 -10.01
CA PRO C 164 22.62 25.42 -8.57
C PRO C 164 24.06 25.09 -8.17
N VAL C 165 24.30 25.18 -6.86
CA VAL C 165 25.53 24.71 -6.23
C VAL C 165 25.08 23.57 -5.32
N THR C 166 25.91 22.52 -5.22
CA THR C 166 25.68 21.49 -4.20
C THR C 166 26.84 21.48 -3.22
N VAL C 167 26.55 21.21 -1.95
CA VAL C 167 27.58 21.14 -0.92
C VAL C 167 27.40 19.85 -0.13
N SER C 168 28.50 19.12 0.08
CA SER C 168 28.51 17.99 1.00
C SER C 168 29.63 18.22 2.00
N TRP C 169 29.71 17.37 3.01
CA TRP C 169 30.76 17.45 4.02
C TRP C 169 31.47 16.11 4.13
N ASN C 170 32.81 16.15 4.18
CA ASN C 170 33.65 14.95 4.25
C ASN C 170 33.21 13.91 3.21
N SER C 171 33.06 14.40 1.97
CA SER C 171 32.61 13.61 0.83
C SER C 171 31.34 12.81 1.09
N GLY C 172 30.42 13.42 1.83
CA GLY C 172 29.13 12.81 2.14
C GLY C 172 29.09 11.95 3.38
N ALA C 173 30.22 11.81 4.08
CA ALA C 173 30.28 11.03 5.30
C ALA C 173 29.66 11.76 6.50
N LEU C 174 29.50 13.07 6.39
CA LEU C 174 28.89 13.87 7.44
C LEU C 174 27.59 14.49 6.92
N THR C 175 26.47 14.03 7.46
CA THR C 175 25.15 14.57 7.09
C THR C 175 24.38 15.13 8.28
N SER C 176 24.52 14.52 9.46
CA SER C 176 23.80 14.94 10.67
C SER C 176 24.21 16.36 11.12
N GLY C 177 23.20 17.21 11.34
CA GLY C 177 23.43 18.57 11.76
C GLY C 177 23.86 19.52 10.66
N VAL C 178 23.88 19.04 9.41
CA VAL C 178 24.23 19.89 8.27
C VAL C 178 23.01 20.73 7.84
N HIS C 179 23.22 22.03 7.61
CA HIS C 179 22.22 22.89 6.97
C HIS C 179 22.85 23.68 5.82
N THR C 180 22.37 23.45 4.60
CA THR C 180 22.82 24.22 3.44
C THR C 180 21.67 25.14 3.08
N PHE C 181 21.91 26.44 3.20
CA PHE C 181 20.85 27.42 3.00
C PHE C 181 20.54 27.64 1.52
N PRO C 182 19.26 27.95 1.21
CA PRO C 182 18.91 28.39 -0.15
C PRO C 182 19.72 29.60 -0.55
N ALA C 183 20.08 29.68 -1.82
CA ALA C 183 20.89 30.78 -2.31
C ALA C 183 20.10 32.09 -2.32
N VAL C 184 20.82 33.19 -2.18
CA VAL C 184 20.23 34.51 -2.36
C VAL C 184 20.88 35.14 -3.56
N LEU C 185 20.08 35.83 -4.39
CA LEU C 185 20.61 36.62 -5.49
C LEU C 185 21.05 37.98 -4.95
N GLN C 186 22.33 38.31 -5.12
CA GLN C 186 22.86 39.58 -4.64
C GLN C 186 22.60 40.67 -5.67
N SER C 187 22.78 41.92 -5.26
CA SER C 187 22.52 43.05 -6.16
C SER C 187 23.46 43.04 -7.37
N SER C 188 24.61 42.38 -7.24
CA SER C 188 25.53 42.16 -8.35
C SER C 188 24.96 41.25 -9.43
N GLY C 189 23.85 40.57 -9.16
CA GLY C 189 23.33 39.58 -10.07
C GLY C 189 24.04 38.22 -9.98
N LEU C 190 24.85 38.03 -8.94
CA LEU C 190 25.45 36.73 -8.65
C LEU C 190 24.85 36.12 -7.37
N TYR C 191 24.84 34.79 -7.31
CA TYR C 191 24.28 34.06 -6.17
C TYR C 191 25.31 33.85 -5.07
N SER C 192 24.81 33.63 -3.86
CA SER C 192 25.63 33.25 -2.72
C SER C 192 24.81 32.42 -1.74
N LEU C 193 25.48 31.50 -1.03
CA LEU C 193 24.84 30.72 0.01
C LEU C 193 25.88 30.31 1.02
N SER C 194 25.42 29.81 2.17
CA SER C 194 26.30 29.18 3.15
C SER C 194 25.83 27.78 3.47
N SER C 195 26.77 26.94 3.87
CA SER C 195 26.48 25.61 4.40
C SER C 195 27.12 25.51 5.79
N VAL C 196 26.36 25.05 6.76
CA VAL C 196 26.83 25.03 8.14
C VAL C 196 26.57 23.66 8.75
N VAL C 197 27.35 23.30 9.77
CA VAL C 197 27.16 22.06 10.51
C VAL C 197 27.53 22.29 11.97
N THR C 198 26.76 21.68 12.87
CA THR C 198 27.09 21.67 14.29
C THR C 198 27.67 20.31 14.64
N VAL C 199 28.78 20.32 15.37
CA VAL C 199 29.47 19.10 15.80
C VAL C 199 29.86 19.21 17.28
N PRO C 200 30.21 18.08 17.93
CA PRO C 200 30.79 18.21 19.27
C PRO C 200 32.07 19.04 19.22
N SER C 201 32.20 20.00 20.14
CA SER C 201 33.37 20.86 20.16
C SER C 201 34.64 20.05 20.44
N SER C 202 34.49 18.94 21.14
CA SER C 202 35.62 18.04 21.43
C SER C 202 36.24 17.44 20.16
N SER C 203 35.41 17.20 19.13
CA SER C 203 35.91 16.56 17.92
C SER C 203 36.73 17.51 17.05
N LEU C 204 36.74 18.80 17.37
CA LEU C 204 37.54 19.77 16.62
C LEU C 204 39.02 19.45 16.58
N GLY C 205 39.56 18.96 17.70
CA GLY C 205 40.97 18.65 17.83
C GLY C 205 41.42 17.38 17.12
N THR C 206 40.48 16.57 16.65
CA THR C 206 40.80 15.28 16.03
C THR C 206 40.21 15.07 14.64
N GLN C 207 38.97 15.51 14.45
CA GLN C 207 38.25 15.28 13.21
C GLN C 207 38.48 16.41 12.23
N THR C 208 38.78 16.05 10.99
CA THR C 208 38.92 17.01 9.91
C THR C 208 37.54 17.29 9.31
N TYR C 209 37.28 18.56 9.02
CA TYR C 209 36.02 18.98 8.41
C TYR C 209 36.33 19.69 7.11
N ILE C 210 35.87 19.11 6.00
CA ILE C 210 36.06 19.66 4.67
C ILE C 210 34.72 19.77 3.97
N CYS C 211 34.39 20.94 3.45
CA CYS C 211 33.19 21.05 2.65
C CYS C 211 33.53 20.83 1.18
N ASN C 212 32.69 20.06 0.49
CA ASN C 212 32.88 19.77 -0.93
C ASN C 212 31.83 20.53 -1.73
N VAL C 213 32.29 21.45 -2.56
CA VAL C 213 31.40 22.34 -3.31
C VAL C 213 31.45 22.03 -4.80
N ASN C 214 30.28 21.81 -5.39
CA ASN C 214 30.14 21.51 -6.80
C ASN C 214 29.24 22.51 -7.50
N HIS C 215 29.79 23.16 -8.54
CA HIS C 215 29.02 24.03 -9.44
C HIS C 215 29.16 23.47 -10.86
N LYS C 216 28.24 22.60 -11.22
CA LYS C 216 28.29 21.93 -12.53
C LYS C 216 28.23 22.89 -13.74
N PRO C 217 27.48 24.00 -13.66
CA PRO C 217 27.51 24.87 -14.84
C PRO C 217 28.89 25.40 -15.22
N SER C 218 29.74 25.67 -14.23
CA SER C 218 31.10 26.14 -14.50
C SER C 218 32.12 25.00 -14.44
N ASN C 219 31.66 23.76 -14.33
CA ASN C 219 32.51 22.63 -14.00
C ASN C 219 33.51 22.92 -12.89
N THR C 220 32.96 23.35 -11.76
CA THR C 220 33.75 23.65 -10.58
C THR C 220 33.49 22.61 -9.50
N LYS C 221 34.56 21.96 -9.06
CA LYS C 221 34.51 21.11 -7.87
C LYS C 221 35.66 21.55 -6.98
N VAL C 222 35.32 22.04 -5.79
CA VAL C 222 36.31 22.59 -4.87
C VAL C 222 36.09 22.01 -3.47
N ASP C 223 37.17 21.65 -2.80
CA ASP C 223 37.13 21.20 -1.41
C ASP C 223 37.76 22.27 -0.51
N LYS C 224 37.18 22.53 0.65
CA LYS C 224 37.76 23.49 1.58
C LYS C 224 37.80 22.96 3.02
N LYS C 225 39.00 22.93 3.58
CA LYS C 225 39.21 22.51 4.96
C LYS C 225 38.81 23.66 5.86
N VAL C 226 38.00 23.36 6.87
CA VAL C 226 37.54 24.37 7.80
C VAL C 226 38.14 24.03 9.17
N GLU C 227 38.98 24.91 9.70
CA GLU C 227 39.64 24.67 11.00
C GLU C 227 39.55 25.90 11.91
N PRO C 228 39.53 25.68 13.25
CA PRO C 228 39.36 26.71 14.29
C PRO C 228 40.18 28.00 14.13
N MET D 1 -8.26 23.29 -12.56
CA MET D 1 -8.06 22.81 -11.17
C MET D 1 -7.72 23.99 -10.24
N THR D 2 -8.48 24.16 -9.15
CA THR D 2 -8.27 25.27 -8.17
C THR D 2 -8.22 24.73 -6.74
N GLN D 3 -7.12 24.96 -6.01
CA GLN D 3 -6.95 24.39 -4.65
C GLN D 3 -7.30 25.36 -3.52
N SER D 4 -7.83 24.81 -2.42
CA SER D 4 -8.07 25.59 -1.20
C SER D 4 -7.75 24.77 0.05
N PRO D 5 -7.07 25.36 1.05
CA PRO D 5 -6.54 26.73 1.05
C PRO D 5 -5.21 26.80 0.29
N SER D 6 -4.69 28.01 0.09
CA SER D 6 -3.39 28.16 -0.58
C SER D 6 -2.27 27.65 0.33
N SER D 7 -2.48 27.78 1.64
CA SER D 7 -1.56 27.23 2.63
C SER D 7 -2.22 27.09 3.97
N LEU D 8 -1.59 26.35 4.87
CA LEU D 8 -2.12 26.12 6.20
C LEU D 8 -1.02 25.67 7.17
N SER D 9 -1.21 25.97 8.45
CA SER D 9 -0.43 25.41 9.53
C SER D 9 -1.30 24.43 10.30
N ALA D 10 -0.69 23.35 10.78
CA ALA D 10 -1.37 22.43 11.67
C ALA D 10 -0.38 21.71 12.55
N SER D 11 -0.85 21.32 13.73
CA SER D 11 0.01 20.66 14.69
C SER D 11 0.15 19.20 14.33
N VAL D 12 1.22 18.58 14.82
CA VAL D 12 1.43 17.16 14.63
C VAL D 12 0.22 16.44 15.24
N GLY D 13 -0.34 15.48 14.51
CA GLY D 13 -1.49 14.72 14.98
C GLY D 13 -2.83 15.27 14.50
N ASP D 14 -2.85 16.50 14.00
CA ASP D 14 -4.08 17.11 13.46
C ASP D 14 -4.62 16.40 12.22
N ARG D 15 -5.94 16.42 12.05
CA ARG D 15 -6.56 16.01 10.80
C ARG D 15 -6.53 17.19 9.83
N VAL D 16 -5.96 16.98 8.64
CA VAL D 16 -5.83 18.04 7.65
C VAL D 16 -6.57 17.64 6.40
N THR D 17 -7.41 18.55 5.90
CA THR D 17 -8.13 18.30 4.66
C THR D 17 -7.84 19.43 3.68
N ILE D 18 -7.48 19.03 2.46
CA ILE D 18 -7.22 19.97 1.36
C ILE D 18 -8.21 19.70 0.23
N THR D 19 -8.67 20.75 -0.45
CA THR D 19 -9.69 20.62 -1.48
C THR D 19 -9.18 21.09 -2.86
N CYS D 20 -9.65 20.44 -3.93
CA CYS D 20 -9.37 20.83 -5.32
C CYS D 20 -10.75 21.07 -5.96
N ARG D 21 -10.95 22.23 -6.58
CA ARG D 21 -12.19 22.47 -7.32
C ARG D 21 -11.89 22.44 -8.81
N THR D 22 -12.62 21.58 -9.52
CA THR D 22 -12.30 21.26 -10.89
C THR D 22 -13.35 21.79 -11.85
N SER D 23 -12.90 22.22 -13.01
CA SER D 23 -13.78 22.74 -14.05
C SER D 23 -14.85 21.72 -14.39
N GLN D 24 -14.41 20.46 -14.47
CA GLN D 24 -15.22 19.36 -14.91
C GLN D 24 -14.94 18.15 -14.04
N SER D 25 -15.95 17.41 -13.62
CA SER D 25 -15.75 16.28 -12.67
C SER D 25 -15.57 14.88 -13.31
N LEU D 26 -14.39 14.29 -13.08
CA LEU D 26 -14.03 12.94 -13.50
C LEU D 26 -13.23 12.32 -12.38
N SER D 27 -13.78 11.28 -11.75
CA SER D 27 -13.11 10.69 -10.60
C SER D 27 -11.80 10.13 -11.09
N SER D 28 -11.85 9.30 -12.13
CA SER D 28 -10.65 8.61 -12.64
C SER D 28 -9.42 9.49 -12.91
N TYR D 29 -9.65 10.69 -13.43
CA TYR D 29 -8.57 11.57 -13.92
C TYR D 29 -7.93 12.50 -12.91
N THR D 30 -8.38 12.52 -11.66
CA THR D 30 -7.82 13.45 -10.69
C THR D 30 -6.90 12.76 -9.71
N HIS D 31 -5.65 13.23 -9.65
CA HIS D 31 -4.59 12.66 -8.81
C HIS D 31 -3.91 13.73 -7.98
N TRP D 32 -3.26 13.30 -6.91
CA TRP D 32 -2.57 14.21 -5.98
C TRP D 32 -1.08 13.90 -5.91
N TYR D 33 -0.30 14.96 -5.67
CA TYR D 33 1.16 14.86 -5.56
C TYR D 33 1.62 15.57 -4.31
N GLN D 34 2.73 15.09 -3.76
CA GLN D 34 3.39 15.71 -2.62
C GLN D 34 4.79 16.08 -3.09
N GLN D 35 5.19 17.33 -2.89
CA GLN D 35 6.52 17.76 -3.31
C GLN D 35 7.27 18.38 -2.15
N LYS D 36 8.38 17.74 -1.79
CA LYS D 36 9.25 18.25 -0.73
C LYS D 36 10.29 19.15 -1.37
N PRO D 37 10.85 20.11 -0.60
CA PRO D 37 11.77 21.11 -1.16
C PRO D 37 12.96 20.49 -1.89
N GLY D 38 13.26 21.00 -3.09
CA GLY D 38 14.37 20.52 -3.89
C GLY D 38 14.17 19.16 -4.55
N LYS D 39 12.98 18.59 -4.44
CA LYS D 39 12.69 17.26 -5.00
C LYS D 39 11.59 17.32 -6.02
N ALA D 40 11.52 16.27 -6.84
CA ALA D 40 10.40 16.12 -7.77
C ALA D 40 9.12 15.80 -6.99
N PRO D 41 7.95 16.12 -7.57
CA PRO D 41 6.68 15.66 -7.01
C PRO D 41 6.62 14.13 -6.95
N LYS D 42 5.99 13.58 -5.91
CA LYS D 42 5.74 12.14 -5.80
C LYS D 42 4.23 11.93 -5.84
N LEU D 43 3.79 10.91 -6.56
CA LEU D 43 2.36 10.67 -6.70
C LEU D 43 1.81 9.95 -5.45
N LEU D 44 0.87 10.58 -4.75
CA LEU D 44 0.28 10.01 -3.53
C LEU D 44 -1.00 9.28 -3.80
N ILE D 45 -1.94 9.99 -4.42
CA ILE D 45 -3.25 9.45 -4.69
C ILE D 45 -3.47 9.49 -6.17
N TYR D 46 -3.97 8.39 -6.74
CA TYR D 46 -4.27 8.36 -8.16
C TYR D 46 -5.69 7.89 -8.40
N ALA D 47 -6.38 8.50 -9.36
CA ALA D 47 -7.77 8.17 -9.62
C ALA D 47 -8.67 8.67 -8.50
N ALA D 48 -8.15 9.65 -7.77
CA ALA D 48 -8.88 10.28 -6.67
C ALA D 48 -8.83 9.52 -5.34
N SER D 49 -9.24 8.25 -5.32
CA SER D 49 -9.30 7.52 -4.04
C SER D 49 -8.24 6.44 -3.82
N SER D 50 -7.32 6.23 -4.77
CA SER D 50 -6.35 5.14 -4.67
C SER D 50 -4.96 5.61 -4.21
N ARG D 51 -4.39 4.92 -3.23
CA ARG D 51 -3.09 5.30 -2.67
C ARG D 51 -1.97 4.86 -3.58
N GLY D 52 -1.00 5.74 -3.75
CA GLY D 52 0.20 5.44 -4.52
C GLY D 52 1.02 4.37 -3.84
N SER D 53 1.91 3.73 -4.60
CA SER D 53 2.81 2.75 -4.04
C SER D 53 3.71 3.45 -3.02
N GLY D 54 3.87 2.81 -1.88
CA GLY D 54 4.72 3.32 -0.81
C GLY D 54 4.08 4.40 0.06
N VAL D 55 2.82 4.72 -0.20
CA VAL D 55 2.15 5.82 0.47
C VAL D 55 1.45 5.31 1.73
N PRO D 56 1.76 5.89 2.91
CA PRO D 56 1.19 5.44 4.19
C PRO D 56 -0.31 5.66 4.32
N SER D 57 -0.95 4.89 5.18
CA SER D 57 -2.40 4.83 5.23
C SER D 57 -3.06 6.10 5.75
N ARG D 58 -2.30 6.96 6.43
CA ARG D 58 -2.84 8.23 6.89
C ARG D 58 -3.28 9.16 5.74
N PHE D 59 -2.78 8.95 4.52
CA PHE D 59 -3.21 9.73 3.36
C PHE D 59 -4.40 9.05 2.67
N SER D 60 -5.43 9.82 2.37
CA SER D 60 -6.57 9.28 1.64
C SER D 60 -7.20 10.36 0.78
N GLY D 61 -7.88 9.93 -0.29
CA GLY D 61 -8.58 10.85 -1.18
C GLY D 61 -10.06 10.53 -1.27
N SER D 62 -10.86 11.57 -1.49
CA SER D 62 -12.27 11.42 -1.77
C SER D 62 -12.61 12.33 -2.95
N GLY D 63 -13.68 11.98 -3.67
CA GLY D 63 -14.22 12.81 -4.75
C GLY D 63 -15.74 12.89 -4.70
N SER D 64 -16.28 14.04 -5.07
CA SER D 64 -17.74 14.22 -5.16
C SER D 64 -18.06 15.27 -6.20
N GLY D 65 -18.61 14.84 -7.33
CA GLY D 65 -18.82 15.70 -8.48
C GLY D 65 -17.51 16.37 -8.86
N THR D 66 -17.49 17.69 -8.80
CA THR D 66 -16.34 18.50 -9.18
C THR D 66 -15.42 18.83 -8.00
N ASP D 67 -15.78 18.39 -6.79
CA ASP D 67 -14.97 18.68 -5.61
C ASP D 67 -14.21 17.43 -5.19
N PHE D 68 -12.91 17.60 -4.98
CA PHE D 68 -12.03 16.50 -4.57
C PHE D 68 -11.21 16.88 -3.34
N THR D 69 -10.98 15.92 -2.45
CA THR D 69 -10.38 16.20 -1.17
C THR D 69 -9.22 15.25 -0.91
N LEU D 70 -8.13 15.78 -0.36
CA LEU D 70 -7.03 14.99 0.17
C LEU D 70 -7.06 15.13 1.67
N THR D 71 -6.95 14.02 2.39
CA THR D 71 -6.98 14.03 3.85
C THR D 71 -5.77 13.36 4.44
N ILE D 72 -5.13 14.03 5.39
CA ILE D 72 -4.09 13.43 6.23
C ILE D 72 -4.72 13.23 7.61
N SER D 73 -4.95 11.98 7.98
CA SER D 73 -5.73 11.66 9.19
C SER D 73 -5.06 12.17 10.48
N SER D 74 -3.75 11.95 10.56
CA SER D 74 -2.92 12.42 11.66
C SER D 74 -1.66 13.01 11.02
N LEU D 75 -1.47 14.32 11.15
CA LEU D 75 -0.32 14.99 10.53
C LEU D 75 0.98 14.57 11.19
N GLN D 76 2.05 14.48 10.40
CA GLN D 76 3.35 14.12 10.93
C GLN D 76 4.37 15.17 10.50
N PRO D 77 5.47 15.33 11.24
CA PRO D 77 6.46 16.34 10.89
C PRO D 77 7.00 16.21 9.46
N GLU D 78 7.14 14.97 9.00
CA GLU D 78 7.69 14.67 7.68
C GLU D 78 6.73 14.99 6.53
N ASP D 79 5.48 15.28 6.85
CA ASP D 79 4.50 15.63 5.84
C ASP D 79 4.58 17.10 5.41
N PHE D 80 5.55 17.84 5.94
CA PHE D 80 5.79 19.20 5.50
C PHE D 80 6.10 19.25 4.02
N ALA D 81 5.15 19.74 3.22
CA ALA D 81 5.31 19.74 1.77
C ALA D 81 4.29 20.63 1.13
N THR D 82 4.40 20.78 -0.18
CA THR D 82 3.42 21.51 -0.96
C THR D 82 2.62 20.48 -1.76
N TYR D 83 1.30 20.54 -1.70
CA TYR D 83 0.45 19.53 -2.36
C TYR D 83 -0.28 20.04 -3.61
N TYR D 84 -0.15 19.31 -4.72
CA TYR D 84 -0.78 19.69 -5.97
C TYR D 84 -1.77 18.64 -6.46
N CYS D 85 -2.99 19.02 -6.80
CA CYS D 85 -3.92 18.09 -7.46
C CYS D 85 -3.76 18.23 -8.97
N GLN D 86 -4.33 17.31 -9.73
CA GLN D 86 -4.14 17.31 -11.17
C GLN D 86 -5.28 16.59 -11.84
N GLN D 87 -5.77 17.17 -12.94
CA GLN D 87 -6.83 16.56 -13.73
C GLN D 87 -6.42 16.63 -15.17
N SER D 88 -6.27 15.48 -15.82
CA SER D 88 -5.77 15.47 -17.17
C SER D 88 -4.40 16.11 -17.12
N ARG D 89 -4.14 17.16 -17.91
CA ARG D 89 -2.80 17.77 -17.89
C ARG D 89 -2.68 19.09 -17.17
N THR D 90 -3.66 19.44 -16.35
CA THR D 90 -3.60 20.69 -15.62
C THR D 90 -3.42 20.48 -14.13
N PHE D 91 -2.44 21.16 -13.55
CA PHE D 91 -2.11 21.04 -12.13
C PHE D 91 -2.65 22.20 -11.32
N GLY D 92 -3.35 21.91 -10.23
CA GLY D 92 -3.75 22.95 -9.29
C GLY D 92 -2.55 23.80 -8.89
N GLN D 93 -2.80 24.91 -8.21
CA GLN D 93 -1.72 25.81 -7.84
C GLN D 93 -0.94 25.37 -6.60
N GLY D 94 -1.45 24.39 -5.88
CA GLY D 94 -0.72 23.82 -4.75
C GLY D 94 -1.15 24.37 -3.40
N THR D 95 -1.00 23.54 -2.37
CA THR D 95 -1.27 23.95 -1.00
C THR D 95 -0.03 23.67 -0.18
N LYS D 96 0.54 24.72 0.40
CA LYS D 96 1.69 24.57 1.29
C LYS D 96 1.23 24.15 2.69
N VAL D 97 1.71 23.00 3.15
CA VAL D 97 1.43 22.54 4.50
C VAL D 97 2.65 22.78 5.37
N GLU D 98 2.50 23.69 6.33
CA GLU D 98 3.51 23.97 7.35
C GLU D 98 3.08 23.34 8.68
N ILE D 99 4.06 22.90 9.47
CA ILE D 99 3.78 22.32 10.78
C ILE D 99 3.89 23.39 11.87
N LYS D 100 2.91 23.38 12.77
CA LYS D 100 2.93 24.14 13.99
C LYS D 100 3.51 23.23 15.05
N ARG D 101 4.63 23.63 15.68
CA ARG D 101 5.23 22.86 16.77
C ARG D 101 5.55 23.78 17.93
N THR D 102 5.79 23.23 19.12
CA THR D 102 6.12 24.09 20.26
C THR D 102 7.23 25.09 19.90
N VAL D 103 7.27 26.18 20.65
CA VAL D 103 8.25 27.24 20.42
C VAL D 103 9.63 26.71 20.79
N ALA D 104 10.62 27.03 19.99
CA ALA D 104 12.02 26.74 20.31
C ALA D 104 12.90 27.93 19.97
N ALA D 105 13.69 28.39 20.93
CA ALA D 105 14.55 29.55 20.71
C ALA D 105 15.76 29.15 19.86
N PRO D 106 16.25 30.07 19.00
CA PRO D 106 17.44 29.74 18.20
C PRO D 106 18.73 29.63 19.01
N SER D 107 19.66 28.81 18.55
CA SER D 107 21.04 28.93 18.99
C SER D 107 21.72 29.85 18.01
N VAL D 108 22.48 30.81 18.53
CA VAL D 108 23.03 31.89 17.71
C VAL D 108 24.55 31.80 17.65
N PHE D 109 25.10 31.92 16.46
CA PHE D 109 26.55 31.86 16.22
C PHE D 109 26.95 32.97 15.26
N ILE D 110 28.12 33.57 15.48
CA ILE D 110 28.63 34.59 14.59
C ILE D 110 29.98 34.13 14.05
N PHE D 111 30.21 34.38 12.75
CA PHE D 111 31.45 33.99 12.07
C PHE D 111 32.11 35.21 11.44
N PRO D 112 33.35 35.52 11.85
CA PRO D 112 34.08 36.60 11.18
C PRO D 112 34.47 36.21 9.76
N PRO D 113 34.78 37.20 8.89
CA PRO D 113 35.29 36.86 7.56
C PRO D 113 36.64 36.18 7.63
N SER D 114 36.96 35.31 6.67
CA SER D 114 38.25 34.62 6.64
C SER D 114 39.35 35.56 6.21
N ASP D 115 40.58 35.30 6.63
CA ASP D 115 41.72 36.11 6.18
C ASP D 115 41.90 35.98 4.67
N GLU D 116 41.54 34.82 4.14
CA GLU D 116 41.55 34.59 2.70
C GLU D 116 40.60 35.53 1.99
N GLN D 117 39.34 35.62 2.43
CA GLN D 117 38.37 36.45 1.73
C GLN D 117 38.78 37.91 1.75
N LEU D 118 39.32 38.35 2.88
CA LEU D 118 39.72 39.75 3.02
C LEU D 118 40.68 40.18 1.93
N LYS D 119 41.57 39.28 1.51
CA LYS D 119 42.54 39.61 0.48
C LYS D 119 41.88 39.92 -0.87
N SER D 120 40.65 39.42 -1.08
CA SER D 120 39.88 39.71 -2.29
C SER D 120 39.25 41.11 -2.31
N GLY D 121 39.26 41.81 -1.18
CA GLY D 121 38.73 43.17 -1.09
C GLY D 121 37.32 43.26 -0.54
N THR D 122 36.74 42.14 -0.10
CA THR D 122 35.39 42.12 0.48
C THR D 122 35.40 41.34 1.79
N ALA D 123 34.50 41.69 2.69
CA ALA D 123 34.34 40.98 3.96
C ALA D 123 32.90 40.56 4.13
N SER D 124 32.65 39.31 4.48
CA SER D 124 31.29 38.82 4.69
C SER D 124 31.10 38.28 6.10
N VAL D 125 30.13 38.82 6.84
CA VAL D 125 29.86 38.34 8.20
C VAL D 125 28.51 37.66 8.22
N VAL D 126 28.48 36.44 8.77
CA VAL D 126 27.27 35.63 8.79
C VAL D 126 26.81 35.30 10.20
N CYS D 127 25.55 35.60 10.49
CA CYS D 127 24.94 35.26 11.75
C CYS D 127 24.06 34.05 11.49
N LEU D 128 24.37 32.93 12.15
CA LEU D 128 23.54 31.74 12.11
C LEU D 128 22.52 31.70 13.26
N LEU D 129 21.25 31.49 12.92
CA LEU D 129 20.20 31.19 13.90
C LEU D 129 19.77 29.74 13.68
N ASN D 130 20.12 28.85 14.61
CA ASN D 130 19.91 27.42 14.38
C ASN D 130 18.71 26.83 15.09
N ASN D 131 17.90 26.08 14.33
CA ASN D 131 16.83 25.23 14.88
C ASN D 131 15.80 25.94 15.77
N PHE D 132 15.04 26.86 15.20
CA PHE D 132 14.06 27.60 15.98
C PHE D 132 12.65 27.46 15.41
N TYR D 133 11.67 27.74 16.25
CA TYR D 133 10.26 27.76 15.83
C TYR D 133 9.49 28.76 16.68
N PRO D 134 8.57 29.53 16.07
CA PRO D 134 8.19 29.66 14.64
C PRO D 134 9.16 30.49 13.83
N ARG D 135 8.84 30.69 12.56
CA ARG D 135 9.73 31.32 11.57
C ARG D 135 10.05 32.77 11.84
N GLU D 136 9.11 33.50 12.42
CA GLU D 136 9.32 34.92 12.65
C GLU D 136 10.55 35.12 13.53
N ALA D 137 11.45 35.97 13.06
CA ALA D 137 12.62 36.38 13.82
C ALA D 137 13.14 37.71 13.27
N LYS D 138 13.73 38.53 14.14
CA LYS D 138 14.40 39.76 13.71
C LYS D 138 15.90 39.63 13.94
N VAL D 139 16.69 40.01 12.94
CA VAL D 139 18.14 40.00 13.09
C VAL D 139 18.66 41.38 12.73
N GLN D 140 19.43 41.98 13.64
CA GLN D 140 19.99 43.31 13.41
C GLN D 140 21.50 43.29 13.53
N TRP D 141 22.15 44.00 12.61
CA TRP D 141 23.60 44.13 12.62
C TRP D 141 24.00 45.44 13.28
N LYS D 142 25.04 45.38 14.11
CA LYS D 142 25.64 46.58 14.70
C LYS D 142 27.15 46.52 14.49
N VAL D 143 27.72 47.62 14.01
CA VAL D 143 29.14 47.71 13.72
C VAL D 143 29.66 48.90 14.51
N ASP D 144 30.58 48.65 15.45
CA ASP D 144 30.99 49.65 16.46
C ASP D 144 29.75 50.32 17.07
N ASN D 145 28.77 49.49 17.41
CA ASN D 145 27.51 49.91 18.00
C ASN D 145 26.60 50.76 17.10
N ALA D 146 26.86 50.81 15.81
CA ALA D 146 25.99 51.54 14.87
C ALA D 146 25.10 50.54 14.11
N LEU D 147 23.79 50.77 14.16
CA LEU D 147 22.83 49.90 13.47
C LEU D 147 23.02 49.92 11.96
N GLN D 148 23.16 48.75 11.36
CA GLN D 148 23.34 48.63 9.91
C GLN D 148 22.01 48.43 9.21
N SER D 149 21.95 48.87 7.96
CA SER D 149 20.74 48.77 7.15
C SER D 149 21.10 48.73 5.67
N GLY D 150 20.50 47.81 4.92
CA GLY D 150 20.69 47.73 3.47
C GLY D 150 21.98 47.10 2.97
N ASN D 151 22.77 46.51 3.87
CA ASN D 151 23.98 45.78 3.46
C ASN D 151 23.99 44.32 3.92
N SER D 152 22.80 43.75 4.16
CA SER D 152 22.72 42.35 4.57
C SER D 152 21.62 41.60 3.84
N GLN D 153 21.80 40.29 3.67
CA GLN D 153 20.76 39.45 3.10
C GLN D 153 20.54 38.27 4.02
N GLU D 154 19.29 37.83 4.12
CA GLU D 154 18.95 36.64 4.89
C GLU D 154 18.56 35.49 3.98
N SER D 155 18.75 34.28 4.46
CA SER D 155 18.24 33.08 3.80
C SER D 155 17.70 32.17 4.89
N VAL D 156 16.60 31.49 4.61
CA VAL D 156 15.97 30.64 5.62
C VAL D 156 15.71 29.29 5.01
N THR D 157 15.93 28.24 5.79
CA THR D 157 15.65 26.89 5.35
C THR D 157 14.15 26.61 5.41
N GLU D 158 13.77 25.52 4.75
CA GLU D 158 12.44 24.96 4.88
C GLU D 158 12.38 24.22 6.22
N GLN D 159 11.17 23.92 6.69
CA GLN D 159 11.02 23.18 7.95
C GLN D 159 11.75 21.85 7.93
N ASP D 160 12.44 21.54 9.02
CA ASP D 160 13.21 20.31 9.13
C ASP D 160 12.30 19.10 9.15
N SER D 161 12.64 18.07 8.39
CA SER D 161 11.76 16.91 8.26
C SER D 161 11.70 16.07 9.53
N LYS D 162 12.61 16.31 10.49
CA LYS D 162 12.62 15.56 11.74
C LYS D 162 12.06 16.34 12.93
N ASP D 163 12.51 17.58 13.12
CA ASP D 163 12.09 18.37 14.30
C ASP D 163 11.22 19.59 13.99
N SER D 164 10.95 19.82 12.71
CA SER D 164 10.04 20.88 12.23
C SER D 164 10.49 22.31 12.56
N THR D 165 11.78 22.48 12.83
CA THR D 165 12.33 23.81 13.08
C THR D 165 12.86 24.44 11.81
N TYR D 166 13.16 25.73 11.91
CA TYR D 166 13.81 26.48 10.85
C TYR D 166 15.23 26.83 11.27
N SER D 167 16.05 27.15 10.28
CA SER D 167 17.33 27.78 10.55
C SER D 167 17.44 29.00 9.63
N LEU D 168 18.25 29.98 10.03
CA LEU D 168 18.35 31.23 9.28
C LEU D 168 19.78 31.74 9.29
N SER D 169 20.21 32.30 8.16
CA SER D 169 21.53 32.91 8.04
C SER D 169 21.35 34.36 7.61
N SER D 170 22.12 35.25 8.21
CA SER D 170 22.17 36.62 7.76
C SER D 170 23.61 36.92 7.46
N THR D 171 23.85 37.52 6.30
CA THR D 171 25.18 37.83 5.83
C THR D 171 25.34 39.33 5.62
N LEU D 172 26.25 39.93 6.37
CA LEU D 172 26.58 41.34 6.25
C LEU D 172 27.80 41.44 5.34
N THR D 173 27.71 42.27 4.31
CA THR D 173 28.80 42.39 3.34
C THR D 173 29.35 43.81 3.33
N LEU D 174 30.66 43.93 3.57
CA LEU D 174 31.39 45.21 3.60
C LEU D 174 32.61 45.13 2.70
N SER D 175 33.10 46.28 2.25
CA SER D 175 34.42 46.35 1.63
C SER D 175 35.47 46.07 2.71
N LYS D 176 36.62 45.58 2.28
CA LYS D 176 37.75 45.29 3.19
C LYS D 176 38.10 46.57 3.94
N ALA D 177 38.13 47.70 3.25
CA ALA D 177 38.46 48.98 3.90
C ALA D 177 37.46 49.30 5.00
N ASP D 178 36.17 49.10 4.72
CA ASP D 178 35.14 49.35 5.73
C ASP D 178 35.27 48.38 6.89
N TYR D 179 35.51 47.11 6.58
CA TYR D 179 35.68 46.11 7.64
C TYR D 179 36.85 46.45 8.56
N GLU D 180 37.97 46.86 7.99
CA GLU D 180 39.18 47.15 8.76
C GLU D 180 39.10 48.47 9.53
N LYS D 181 38.13 49.30 9.19
CA LYS D 181 37.92 50.59 9.88
C LYS D 181 37.17 50.43 11.20
N HIS D 182 36.59 49.25 11.44
CA HIS D 182 35.78 49.05 12.65
C HIS D 182 36.26 47.87 13.49
N LYS D 183 35.83 47.82 14.74
CA LYS D 183 36.34 46.82 15.69
C LYS D 183 35.30 45.80 16.10
N VAL D 184 34.15 46.26 16.57
CA VAL D 184 33.15 45.37 17.17
C VAL D 184 32.04 45.04 16.16
N TYR D 185 31.85 43.75 15.92
CA TYR D 185 30.82 43.25 15.02
C TYR D 185 29.84 42.43 15.82
N ALA D 186 28.57 42.85 15.82
CA ALA D 186 27.56 42.26 16.69
C ALA D 186 26.29 41.91 15.93
N CYS D 187 25.76 40.71 16.21
CA CYS D 187 24.51 40.25 15.65
C CYS D 187 23.48 40.14 16.77
N GLU D 188 22.40 40.91 16.68
CA GLU D 188 21.34 40.90 17.69
C GLU D 188 20.06 40.24 17.18
N VAL D 189 19.55 39.27 17.95
CA VAL D 189 18.46 38.42 17.50
C VAL D 189 17.26 38.51 18.43
N THR D 190 16.10 38.83 17.86
CA THR D 190 14.84 38.80 18.58
C THR D 190 13.99 37.64 18.09
N HIS D 191 13.59 36.78 19.03
CA HIS D 191 12.71 35.66 18.73
C HIS D 191 11.83 35.44 19.96
N GLN D 192 10.56 35.13 19.75
CA GLN D 192 9.60 34.98 20.86
C GLN D 192 9.96 33.87 21.85
N GLY D 193 10.82 32.94 21.44
CA GLY D 193 11.38 31.91 22.32
C GLY D 193 12.37 32.40 23.36
N LEU D 194 12.93 33.60 23.17
CA LEU D 194 13.92 34.18 24.10
C LEU D 194 13.26 35.15 25.08
N SER D 195 13.77 35.20 26.31
CA SER D 195 13.26 36.14 27.31
C SER D 195 13.60 37.60 26.96
N SER D 196 14.74 37.79 26.29
CA SER D 196 15.12 39.09 25.75
C SER D 196 16.09 38.88 24.58
N PRO D 197 16.36 39.93 23.77
CA PRO D 197 17.25 39.70 22.63
C PRO D 197 18.62 39.12 23.00
N VAL D 198 19.12 38.22 22.17
CA VAL D 198 20.45 37.67 22.35
C VAL D 198 21.41 38.33 21.36
N THR D 199 22.59 38.68 21.84
CA THR D 199 23.60 39.33 21.03
C THR D 199 24.88 38.49 21.03
N LYS D 200 25.36 38.12 19.83
CA LYS D 200 26.68 37.52 19.67
C LYS D 200 27.58 38.49 18.93
N SER D 201 28.85 38.56 19.34
CA SER D 201 29.78 39.49 18.73
C SER D 201 31.21 38.98 18.78
N PHE D 202 32.08 39.61 17.99
CA PHE D 202 33.52 39.40 18.07
C PHE D 202 34.22 40.74 17.92
N ASN D 203 35.49 40.80 18.29
CA ASN D 203 36.33 41.95 18.00
C ASN D 203 37.27 41.62 16.84
N ARG D 204 37.32 42.52 15.87
CA ARG D 204 38.20 42.35 14.70
C ARG D 204 39.62 41.96 15.10
N GLY D 205 40.24 41.10 14.30
CA GLY D 205 41.59 40.59 14.55
C GLY D 205 41.83 40.00 15.93
N GLU D 206 40.87 39.23 16.42
CA GLU D 206 41.00 38.57 17.73
C GLU D 206 40.54 37.13 17.58
#